data_5V8U
#
_entry.id   5V8U
#
_cell.length_a   73.095
_cell.length_b   67.653
_cell.length_c   98.087
_cell.angle_alpha   90.00
_cell.angle_beta   105.22
_cell.angle_gamma   90.00
#
_symmetry.space_group_name_H-M   'P 1 21 1'
#
loop_
_entity.id
_entity.type
_entity.pdbx_description
1 polymer 'Botulinum neurotoxin type A'
2 non-polymer 'ZINC ION'
3 non-polymer N-[3-(4-fluorophenyl)-4-methyl-1H-pyrazol-5-yl]-2-sulfanylacetamide
4 water water
#
_entity_poly.entity_id   1
_entity_poly.type   'polypeptide(L)'
_entity_poly.pdbx_seq_one_letter_code
;MGSSHHHHHHSSGLVPRGSHMQFVNKQFNYKDPVNGVDIAYIKIPNVGQMQPVKAFKIHNKIWVIPERDTFTNPEEGDLN
PPPEAKQVPVSYYDSTYLSTDNEKDNYLKGVTKLFERIYSTDLGRMLLTSIVRGIPFWGGSTIDTELKVIDTNCINVIQP
DGSYRSEELNLVIIGPSADIIQFECKSFGHEVLNLTRNGYGSTQYIRFSPDFTFGFEESLEVDTNPLLGAGKFATDPAVT
LAHELIHAGHRLYGIAINPNRVFKVNTNAYYEMSGLEVSFEELRTFGGHDAKFIDSLQENEFRLYYYNKFKDIASTLNKA
KSIVGTTASLQYMKNVFKEKYLLSEDTSGKFSVDKLKFDKLYKMLTEIYTEDNFVKFFKVLNRKTYLNFDKAVFKINIVP
KVNYTIYDGFNLRNTNLAANFNGQNTEINNMNFTKLKNFTGLFE
;
_entity_poly.pdbx_strand_id   A,B
#
loop_
_chem_comp.id
_chem_comp.type
_chem_comp.name
_chem_comp.formula
90M non-polymer N-[3-(4-fluorophenyl)-4-methyl-1H-pyrazol-5-yl]-2-sulfanylacetamide 'C12 H12 F N3 O S'
ZN non-polymer 'ZINC ION' 'Zn 2'
#
# COMPACT_ATOMS: atom_id res chain seq x y z
N SER A 11 1.63 18.95 17.04
CA SER A 11 1.97 17.74 16.25
C SER A 11 0.71 16.92 15.96
N SER A 12 0.73 16.18 14.85
CA SER A 12 -0.45 15.46 14.40
C SER A 12 -0.43 13.98 14.72
N GLY A 13 0.73 13.40 15.03
CA GLY A 13 0.80 11.99 15.34
C GLY A 13 0.38 11.10 14.18
N LEU A 14 0.74 11.49 12.96
CA LEU A 14 0.33 10.74 11.78
C LEU A 14 1.14 9.46 11.57
N VAL A 15 2.30 9.34 12.22
CA VAL A 15 3.17 8.17 12.04
C VAL A 15 3.55 7.63 13.42
N PRO A 16 2.63 7.00 14.13
CA PRO A 16 2.96 6.50 15.48
C PRO A 16 4.04 5.41 15.48
N ARG A 17 4.17 4.66 14.39
CA ARG A 17 5.17 3.60 14.31
C ARG A 17 5.73 3.55 12.89
N GLY A 18 7.05 3.40 12.79
CA GLY A 18 7.71 3.41 11.50
C GLY A 18 8.22 4.79 11.15
N SER A 19 8.63 4.92 9.88
CA SER A 19 9.17 6.18 9.38
C SER A 19 8.16 6.98 8.57
N HIS A 20 7.22 6.31 7.89
CA HIS A 20 6.28 7.00 7.02
C HIS A 20 4.90 6.37 7.16
N MET A 21 3.89 7.12 6.73
CA MET A 21 2.52 6.61 6.70
C MET A 21 2.43 5.40 5.77
N GLN A 22 1.57 4.46 6.14
CA GLN A 22 1.53 3.16 5.47
C GLN A 22 0.50 3.09 4.36
N PHE A 23 -0.48 3.99 4.32
CA PHE A 23 -1.44 4.06 3.22
C PHE A 23 -1.38 5.37 2.46
N VAL A 24 -1.48 6.51 3.15
CA VAL A 24 -1.39 7.79 2.48
C VAL A 24 0.03 8.00 1.98
N ASN A 25 0.16 8.53 0.77
CA ASN A 25 1.45 8.58 0.09
C ASN A 25 2.36 9.68 0.63
N LYS A 26 1.78 10.81 1.05
CA LYS A 26 2.57 11.97 1.43
C LYS A 26 1.90 12.68 2.60
N GLN A 27 2.73 13.34 3.42
CA GLN A 27 2.22 14.24 4.46
C GLN A 27 2.02 15.60 3.81
N PHE A 28 0.85 15.80 3.23
CA PHE A 28 0.54 17.03 2.51
C PHE A 28 0.26 18.18 3.47
N ASN A 29 0.63 19.38 3.04
CA ASN A 29 0.09 20.63 3.56
C ASN A 29 -0.68 21.30 2.45
N TYR A 30 -1.84 21.89 2.79
CA TYR A 30 -2.64 22.53 1.75
C TYR A 30 -1.85 23.58 0.98
N LYS A 31 -0.85 24.19 1.64
CA LYS A 31 -0.02 25.19 0.98
C LYS A 31 1.02 24.58 0.05
N ASP A 32 1.24 23.27 0.11
CA ASP A 32 2.25 22.64 -0.73
C ASP A 32 2.03 23.05 -2.19
N PRO A 33 3.07 23.47 -2.91
CA PRO A 33 2.85 23.94 -4.28
C PRO A 33 2.38 22.82 -5.20
N VAL A 34 1.61 23.21 -6.21
CA VAL A 34 1.00 22.26 -7.12
C VAL A 34 2.04 21.59 -7.99
N ASN A 35 1.89 20.28 -8.19
CA ASN A 35 2.55 19.54 -9.26
C ASN A 35 1.48 19.04 -10.22
N GLY A 36 1.84 18.06 -11.06
CA GLY A 36 0.88 17.43 -11.94
C GLY A 36 0.64 15.98 -11.59
N VAL A 37 1.05 15.57 -10.39
CA VAL A 37 1.05 14.16 -10.02
C VAL A 37 0.12 13.91 -8.84
N ASP A 38 0.49 14.38 -7.65
CA ASP A 38 -0.30 14.12 -6.45
C ASP A 38 -0.78 15.40 -5.76
N ILE A 39 -0.39 16.58 -6.25
CA ILE A 39 -1.00 17.85 -5.87
C ILE A 39 -1.28 18.57 -7.18
N ALA A 40 -2.56 18.78 -7.47
CA ALA A 40 -2.93 19.28 -8.79
C ALA A 40 -4.26 20.02 -8.71
N TYR A 41 -4.41 21.00 -9.61
CA TYR A 41 -5.72 21.55 -9.91
C TYR A 41 -6.44 20.59 -10.86
N ILE A 42 -7.71 20.31 -10.57
CA ILE A 42 -8.44 19.29 -11.31
C ILE A 42 -9.84 19.79 -11.63
N LYS A 43 -10.48 19.12 -12.59
CA LYS A 43 -11.86 19.40 -12.97
C LYS A 43 -12.64 18.11 -12.96
N ILE A 44 -13.89 18.20 -12.51
CA ILE A 44 -14.81 17.07 -12.57
C ILE A 44 -15.56 17.15 -13.89
N PRO A 45 -15.71 16.06 -14.64
CA PRO A 45 -16.46 16.12 -15.90
C PRO A 45 -17.93 16.48 -15.66
N ASN A 46 -18.30 17.71 -15.97
CA ASN A 46 -19.69 18.14 -15.90
C ASN A 46 -20.53 17.44 -16.97
N GLN A 49 -19.74 24.15 -16.49
CA GLN A 49 -18.32 23.91 -16.30
C GLN A 49 -17.79 24.69 -15.10
N MET A 50 -16.74 24.15 -14.47
CA MET A 50 -16.24 24.62 -13.18
C MET A 50 -14.84 25.19 -13.34
N GLN A 51 -14.49 26.10 -12.43
CA GLN A 51 -13.08 26.50 -12.31
C GLN A 51 -12.31 25.43 -11.53
N PRO A 52 -11.07 25.14 -11.92
CA PRO A 52 -10.31 24.07 -11.27
C PRO A 52 -10.26 24.23 -9.75
N VAL A 53 -10.21 23.10 -9.05
CA VAL A 53 -10.07 23.06 -7.60
C VAL A 53 -8.81 22.29 -7.26
N LYS A 54 -8.13 22.73 -6.21
CA LYS A 54 -6.90 22.06 -5.78
C LYS A 54 -7.23 20.75 -5.09
N ALA A 55 -6.56 19.67 -5.51
CA ALA A 55 -6.81 18.34 -4.99
C ALA A 55 -5.51 17.64 -4.66
N PHE A 56 -5.60 16.62 -3.82
CA PHE A 56 -4.44 15.90 -3.30
C PHE A 56 -4.66 14.41 -3.50
N LYS A 57 -3.69 13.75 -4.12
CA LYS A 57 -3.77 12.31 -4.39
C LYS A 57 -3.13 11.58 -3.21
N ILE A 58 -3.98 11.08 -2.29
CA ILE A 58 -3.46 10.43 -1.10
C ILE A 58 -3.04 9.00 -1.37
N HIS A 59 -3.58 8.37 -2.41
CA HIS A 59 -3.24 6.98 -2.72
C HIS A 59 -3.60 6.72 -4.18
N ASN A 60 -3.03 5.65 -4.71
CA ASN A 60 -3.41 5.17 -6.04
C ASN A 60 -4.93 5.08 -6.13
N LYS A 61 -5.50 5.81 -7.09
CA LYS A 61 -6.93 5.81 -7.41
C LYS A 61 -7.77 6.54 -6.37
N ILE A 62 -7.18 7.30 -5.45
CA ILE A 62 -7.93 8.02 -4.42
C ILE A 62 -7.45 9.46 -4.37
N TRP A 63 -8.38 10.40 -4.44
CA TRP A 63 -8.10 11.82 -4.36
C TRP A 63 -8.94 12.45 -3.26
N VAL A 64 -8.45 13.56 -2.72
CA VAL A 64 -9.14 14.32 -1.68
C VAL A 64 -9.29 15.76 -2.16
N ILE A 65 -10.52 16.25 -2.18
CA ILE A 65 -10.81 17.63 -2.53
C ILE A 65 -11.27 18.37 -1.28
N PRO A 66 -10.40 19.14 -0.61
CA PRO A 66 -10.83 19.86 0.62
C PRO A 66 -11.65 21.11 0.30
N GLU A 67 -12.82 20.88 -0.30
CA GLU A 67 -13.72 21.96 -0.69
C GLU A 67 -15.15 21.54 -0.35
N ARG A 68 -16.01 22.53 -0.11
CA ARG A 68 -17.43 22.27 -0.02
C ARG A 68 -17.95 21.80 -1.37
N ASP A 69 -18.73 20.73 -1.37
CA ASP A 69 -19.17 20.12 -2.62
C ASP A 69 -20.26 20.95 -3.29
N THR A 70 -19.84 21.84 -4.20
CA THR A 70 -20.75 22.59 -5.06
C THR A 70 -20.63 22.13 -6.51
N PHE A 71 -20.05 20.96 -6.74
CA PHE A 71 -19.75 20.45 -8.08
C PHE A 71 -20.51 19.19 -8.44
N THR A 72 -20.70 18.27 -7.48
CA THR A 72 -21.28 16.97 -7.81
C THR A 72 -22.66 17.11 -8.42
N ASN A 73 -23.53 17.89 -7.78
CA ASN A 73 -24.90 18.05 -8.24
C ASN A 73 -25.10 19.44 -8.80
N PRO A 74 -25.63 19.60 -10.02
CA PRO A 74 -25.88 20.95 -10.54
C PRO A 74 -26.93 21.69 -9.73
N GLU A 75 -27.76 20.99 -8.97
CA GLU A 75 -28.81 21.62 -8.16
C GLU A 75 -28.32 21.98 -6.76
N GLU A 76 -27.08 21.67 -6.43
CA GLU A 76 -26.51 21.99 -5.12
C GLU A 76 -25.30 22.91 -5.26
N GLY A 77 -25.39 23.87 -6.18
CA GLY A 77 -24.35 24.86 -6.33
C GLY A 77 -24.39 25.97 -5.31
N ASP A 78 -25.29 25.86 -4.34
CA ASP A 78 -25.49 26.87 -3.31
C ASP A 78 -25.27 26.27 -1.94
N LEU A 79 -24.65 27.04 -1.05
CA LEU A 79 -24.32 26.58 0.30
C LEU A 79 -25.23 27.19 1.36
N ASN A 80 -26.39 27.71 0.99
CA ASN A 80 -27.30 28.32 1.92
C ASN A 80 -28.52 27.44 2.18
N PRO A 81 -29.18 27.60 3.33
CA PRO A 81 -30.35 26.75 3.64
C PRO A 81 -31.46 26.98 2.64
N PRO A 82 -32.36 25.99 2.47
CA PRO A 82 -33.48 26.19 1.55
C PRO A 82 -34.48 27.22 2.08
N VAL A 90 -32.56 16.01 11.14
CA VAL A 90 -31.57 16.94 11.68
C VAL A 90 -30.56 17.34 10.61
N SER A 91 -30.51 18.63 10.32
CA SER A 91 -29.53 19.21 9.41
C SER A 91 -28.75 20.30 10.12
N TYR A 92 -27.66 20.73 9.51
CA TYR A 92 -26.84 21.80 10.05
C TYR A 92 -26.22 22.58 8.89
N TYR A 93 -26.32 23.91 8.95
CA TYR A 93 -25.86 24.76 7.87
C TYR A 93 -24.88 25.80 8.40
N ASP A 94 -23.83 26.05 7.64
CA ASP A 94 -22.85 27.10 7.93
C ASP A 94 -22.02 27.37 6.68
N SER A 95 -22.38 28.43 5.95
CA SER A 95 -21.73 28.71 4.68
C SER A 95 -20.25 29.04 4.83
N THR A 96 -19.79 29.37 6.04
CA THR A 96 -18.40 29.74 6.24
C THR A 96 -17.48 28.55 6.47
N TYR A 97 -18.02 27.38 6.80
CA TYR A 97 -17.18 26.23 7.07
C TYR A 97 -16.41 25.83 5.81
N LEU A 98 -15.09 25.72 5.97
CA LEU A 98 -14.21 25.21 4.91
C LEU A 98 -14.05 26.23 3.78
N SER A 99 -13.91 27.52 4.15
CA SER A 99 -13.70 28.57 3.18
C SER A 99 -12.33 29.22 3.28
N THR A 100 -11.53 28.86 4.28
CA THR A 100 -10.19 29.41 4.46
C THR A 100 -9.17 28.29 4.31
N ASP A 101 -7.94 28.68 3.98
CA ASP A 101 -6.88 27.70 3.74
C ASP A 101 -6.55 26.92 5.01
N ASN A 102 -6.61 27.57 6.17
CA ASN A 102 -6.36 26.86 7.42
C ASN A 102 -7.36 25.74 7.62
N GLU A 103 -8.64 26.00 7.33
CA GLU A 103 -9.67 24.98 7.44
C GLU A 103 -9.41 23.83 6.47
N LYS A 104 -9.08 24.16 5.22
CA LYS A 104 -8.85 23.12 4.22
C LYS A 104 -7.61 22.29 4.56
N ASP A 105 -6.58 22.93 5.12
CA ASP A 105 -5.42 22.18 5.57
C ASP A 105 -5.80 21.23 6.71
N ASN A 106 -6.61 21.71 7.66
CA ASN A 106 -7.05 20.86 8.76
C ASN A 106 -7.96 19.75 8.25
N TYR A 107 -8.78 20.04 7.24
CA TYR A 107 -9.59 18.99 6.60
C TYR A 107 -8.71 17.93 5.98
N LEU A 108 -7.71 18.35 5.21
CA LEU A 108 -6.81 17.40 4.55
C LEU A 108 -6.09 16.52 5.57
N LYS A 109 -5.57 17.14 6.63
CA LYS A 109 -4.86 16.37 7.65
C LYS A 109 -5.81 15.47 8.43
N GLY A 110 -7.04 15.92 8.66
CA GLY A 110 -8.00 15.08 9.36
C GLY A 110 -8.40 13.86 8.55
N VAL A 111 -8.65 14.03 7.25
CA VAL A 111 -8.98 12.89 6.39
C VAL A 111 -7.79 11.94 6.32
N THR A 112 -6.59 12.49 6.13
CA THR A 112 -5.38 11.67 6.15
C THR A 112 -5.32 10.83 7.42
N LYS A 113 -5.55 11.47 8.57
CA LYS A 113 -5.45 10.77 9.85
C LYS A 113 -6.43 9.59 9.91
N LEU A 114 -7.65 9.78 9.41
CA LEU A 114 -8.65 8.72 9.51
C LEU A 114 -8.31 7.55 8.60
N PHE A 115 -7.80 7.81 7.39
CA PHE A 115 -7.37 6.73 6.51
C PHE A 115 -6.29 5.89 7.17
N GLU A 116 -5.35 6.53 7.86
CA GLU A 116 -4.31 5.77 8.56
C GLU A 116 -4.90 5.01 9.75
N ARG A 117 -5.87 5.60 10.43
CA ARG A 117 -6.54 4.90 11.53
C ARG A 117 -7.27 3.67 11.01
N ILE A 118 -7.99 3.80 9.89
CA ILE A 118 -8.65 2.65 9.31
C ILE A 118 -7.62 1.61 8.88
N TYR A 119 -6.54 2.06 8.24
CA TYR A 119 -5.52 1.15 7.74
C TYR A 119 -4.68 0.54 8.85
N SER A 120 -4.81 1.02 10.08
CA SER A 120 -4.10 0.44 11.21
C SER A 120 -4.78 -0.82 11.75
N THR A 121 -5.96 -1.15 11.25
CA THR A 121 -6.67 -2.37 11.62
C THR A 121 -6.64 -3.35 10.45
N ASP A 122 -6.63 -4.64 10.77
CA ASP A 122 -6.63 -5.66 9.72
C ASP A 122 -7.82 -5.49 8.80
N LEU A 123 -9.01 -5.20 9.36
CA LEU A 123 -10.20 -5.07 8.53
C LEU A 123 -10.09 -3.88 7.60
N GLY A 124 -9.47 -2.78 8.05
CA GLY A 124 -9.33 -1.62 7.19
C GLY A 124 -8.37 -1.86 6.05
N ARG A 125 -7.26 -2.56 6.32
CA ARG A 125 -6.34 -2.91 5.25
C ARG A 125 -7.03 -3.76 4.19
N MET A 126 -7.85 -4.72 4.62
CA MET A 126 -8.63 -5.50 3.66
C MET A 126 -9.57 -4.62 2.86
N LEU A 127 -10.33 -3.76 3.54
CA LEU A 127 -11.31 -2.93 2.84
C LEU A 127 -10.64 -1.99 1.85
N LEU A 128 -9.60 -1.26 2.29
CA LEU A 128 -8.98 -0.30 1.40
C LEU A 128 -8.26 -0.97 0.24
N THR A 129 -7.71 -2.16 0.46
CA THR A 129 -7.15 -2.93 -0.65
C THR A 129 -8.23 -3.24 -1.66
N SER A 130 -9.38 -3.74 -1.20
CA SER A 130 -10.48 -4.03 -2.11
C SER A 130 -10.89 -2.80 -2.91
N ILE A 131 -10.96 -1.64 -2.25
CA ILE A 131 -11.38 -0.41 -2.91
C ILE A 131 -10.43 -0.06 -4.04
N VAL A 132 -9.12 -0.13 -3.78
CA VAL A 132 -8.15 0.27 -4.79
C VAL A 132 -8.16 -0.70 -5.98
N ARG A 133 -8.37 -1.98 -5.71
CA ARG A 133 -8.43 -2.96 -6.79
C ARG A 133 -9.70 -2.86 -7.63
N GLY A 134 -10.75 -2.24 -7.09
CA GLY A 134 -12.04 -2.22 -7.75
C GLY A 134 -12.15 -1.15 -8.81
N ILE A 135 -11.24 -1.15 -9.77
CA ILE A 135 -11.26 -0.15 -10.84
C ILE A 135 -12.58 -0.25 -11.60
N PRO A 136 -13.29 0.85 -11.86
CA PRO A 136 -14.53 0.76 -12.64
C PRO A 136 -14.28 0.12 -13.99
N PHE A 137 -15.26 -0.66 -14.45
CA PHE A 137 -15.11 -1.42 -15.68
C PHE A 137 -15.11 -0.52 -16.90
N TRP A 138 -14.37 -0.96 -17.93
CA TRP A 138 -14.32 -0.25 -19.22
C TRP A 138 -15.45 -0.75 -20.10
N GLY A 139 -16.66 -0.29 -19.79
CA GLY A 139 -17.84 -0.70 -20.53
C GLY A 139 -18.46 0.44 -21.30
N GLY A 140 -17.63 1.38 -21.76
CA GLY A 140 -18.12 2.60 -22.38
C GLY A 140 -18.37 2.50 -23.87
N SER A 141 -17.80 1.50 -24.54
CA SER A 141 -17.89 1.40 -25.99
C SER A 141 -19.24 0.84 -26.40
N THR A 142 -19.80 1.42 -27.47
CA THR A 142 -21.04 0.90 -28.06
C THR A 142 -20.79 -0.29 -28.97
N ILE A 143 -19.53 -0.65 -29.21
CA ILE A 143 -19.17 -1.80 -30.03
C ILE A 143 -18.77 -2.91 -29.07
N ASP A 144 -19.56 -4.00 -29.06
CA ASP A 144 -19.42 -5.05 -28.06
C ASP A 144 -18.17 -5.91 -28.23
N THR A 145 -17.19 -5.51 -29.05
CA THR A 145 -15.90 -6.18 -29.12
C THR A 145 -14.76 -5.24 -28.77
N GLU A 146 -15.06 -4.11 -28.15
CA GLU A 146 -14.09 -3.06 -27.87
C GLU A 146 -14.22 -2.61 -26.42
N LEU A 147 -13.09 -2.58 -25.72
CA LEU A 147 -13.06 -2.03 -24.36
C LEU A 147 -12.81 -0.52 -24.45
N LYS A 148 -13.51 0.22 -23.60
CA LYS A 148 -13.39 1.68 -23.61
C LYS A 148 -13.78 2.22 -22.25
N VAL A 149 -12.99 3.19 -21.77
CA VAL A 149 -13.29 3.81 -20.48
C VAL A 149 -14.62 4.57 -20.56
N ILE A 150 -15.19 4.82 -19.40
CA ILE A 150 -16.36 5.68 -19.25
C ILE A 150 -15.90 7.01 -18.67
N ASP A 151 -16.07 8.08 -19.43
CA ASP A 151 -15.43 9.35 -19.10
C ASP A 151 -15.81 9.85 -17.69
N THR A 152 -16.97 9.46 -17.19
CA THR A 152 -17.39 9.92 -15.86
C THR A 152 -16.63 9.22 -14.74
N ASN A 153 -15.82 8.22 -15.07
CA ASN A 153 -14.94 7.57 -14.09
C ASN A 153 -13.54 8.17 -14.11
N CYS A 154 -13.40 9.41 -14.54
CA CYS A 154 -12.10 10.07 -14.65
C CYS A 154 -12.23 11.50 -14.13
N ILE A 155 -11.07 12.09 -13.83
CA ILE A 155 -10.96 13.52 -13.58
C ILE A 155 -9.92 14.09 -14.54
N ASN A 156 -9.92 15.42 -14.65
CA ASN A 156 -8.97 16.13 -15.51
C ASN A 156 -7.94 16.81 -14.63
N VAL A 157 -6.68 16.39 -14.76
CA VAL A 157 -5.59 16.85 -13.89
C VAL A 157 -4.76 17.87 -14.66
N ILE A 158 -4.60 19.05 -14.07
CA ILE A 158 -3.76 20.11 -14.64
C ILE A 158 -2.29 19.78 -14.39
N GLN A 159 -1.50 19.78 -15.45
CA GLN A 159 -0.07 19.55 -15.33
C GLN A 159 0.65 20.89 -15.09
N PRO A 160 1.89 20.86 -14.61
CA PRO A 160 2.59 22.12 -14.30
C PRO A 160 2.70 23.05 -15.50
N ASP A 161 2.78 22.51 -16.72
CA ASP A 161 2.94 23.34 -17.91
C ASP A 161 1.61 23.80 -18.48
N GLY A 162 0.50 23.57 -17.78
CA GLY A 162 -0.80 24.05 -18.19
C GLY A 162 -1.65 23.08 -19.00
N SER A 163 -1.14 21.91 -19.33
CA SER A 163 -1.89 20.94 -20.13
C SER A 163 -2.72 20.03 -19.23
N TYR A 164 -3.79 19.50 -19.81
CA TYR A 164 -4.67 18.57 -19.11
C TYR A 164 -4.19 17.13 -19.28
N ARG A 165 -4.70 16.26 -18.41
CA ARG A 165 -4.48 14.83 -18.52
C ARG A 165 -5.66 14.11 -17.89
N SER A 166 -6.28 13.21 -18.64
CA SER A 166 -7.39 12.42 -18.12
C SER A 166 -6.82 11.27 -17.28
N GLU A 167 -7.25 11.19 -16.02
CA GLU A 167 -6.75 10.19 -15.10
C GLU A 167 -7.93 9.44 -14.48
N GLU A 168 -7.92 8.12 -14.63
CA GLU A 168 -8.91 7.29 -13.96
C GLU A 168 -8.67 7.29 -12.45
N LEU A 169 -9.74 7.07 -11.70
CA LEU A 169 -9.64 6.98 -10.25
C LEU A 169 -10.86 6.26 -9.73
N ASN A 170 -10.76 5.78 -8.49
CA ASN A 170 -11.82 5.01 -7.86
C ASN A 170 -12.62 5.81 -6.85
N LEU A 171 -12.02 6.78 -6.18
CA LEU A 171 -12.64 7.38 -5.01
C LEU A 171 -12.18 8.81 -4.85
N VAL A 172 -13.13 9.70 -4.57
CA VAL A 172 -12.85 11.09 -4.23
C VAL A 172 -13.52 11.40 -2.90
N ILE A 173 -12.75 11.94 -1.95
CA ILE A 173 -13.28 12.44 -0.70
C ILE A 173 -13.40 13.95 -0.83
N ILE A 174 -14.62 14.48 -0.67
CA ILE A 174 -14.89 15.89 -0.83
C ILE A 174 -15.72 16.37 0.35
N GLY A 175 -15.63 17.67 0.63
CA GLY A 175 -16.35 18.25 1.73
C GLY A 175 -17.85 18.25 1.50
N PRO A 176 -18.63 18.42 2.56
CA PRO A 176 -20.09 18.39 2.43
C PRO A 176 -20.60 19.60 1.65
N SER A 177 -21.85 19.47 1.19
CA SER A 177 -22.51 20.55 0.47
C SER A 177 -23.14 21.53 1.46
N ALA A 178 -24.36 22.00 1.16
CA ALA A 178 -25.02 22.95 2.05
C ALA A 178 -25.22 22.36 3.44
N ASP A 179 -25.84 21.18 3.51
CA ASP A 179 -26.02 20.49 4.79
C ASP A 179 -24.69 19.86 5.19
N ILE A 180 -24.03 20.45 6.18
CA ILE A 180 -22.68 20.03 6.55
C ILE A 180 -22.67 18.58 7.02
N ILE A 181 -23.75 18.12 7.66
CA ILE A 181 -23.76 16.81 8.29
C ILE A 181 -24.46 15.77 7.43
N GLN A 182 -24.75 16.08 6.17
CA GLN A 182 -25.31 15.08 5.26
C GLN A 182 -24.15 14.42 4.53
N PHE A 183 -23.71 13.28 5.05
CA PHE A 183 -22.69 12.48 4.39
C PHE A 183 -23.36 11.44 3.51
N GLU A 184 -22.69 11.08 2.42
CA GLU A 184 -23.23 10.07 1.53
C GLU A 184 -22.12 9.66 0.55
N CYS A 185 -22.37 8.54 -0.13
CA CYS A 185 -21.49 8.03 -1.17
C CYS A 185 -22.27 8.06 -2.48
N LYS A 186 -21.88 8.97 -3.38
CA LYS A 186 -22.59 9.20 -4.63
C LYS A 186 -21.61 9.09 -5.80
N SER A 187 -22.17 8.77 -6.97
CA SER A 187 -21.37 8.62 -8.18
C SER A 187 -22.20 9.04 -9.38
N PHE A 188 -21.51 9.33 -10.48
CA PHE A 188 -22.19 9.75 -11.69
C PHE A 188 -22.77 8.53 -12.40
N GLY A 189 -23.94 8.73 -13.02
CA GLY A 189 -24.67 7.64 -13.64
C GLY A 189 -24.40 7.53 -15.14
N HIS A 190 -25.06 6.54 -15.73
CA HIS A 190 -24.97 6.27 -17.16
C HIS A 190 -26.39 6.31 -17.73
N GLU A 191 -26.49 6.78 -18.98
CA GLU A 191 -27.80 6.96 -19.60
C GLU A 191 -28.63 5.68 -19.51
N VAL A 192 -27.99 4.53 -19.71
CA VAL A 192 -28.67 3.24 -19.74
C VAL A 192 -28.12 2.29 -18.70
N LEU A 193 -26.80 2.27 -18.50
CA LEU A 193 -26.19 1.35 -17.56
C LEU A 193 -26.42 1.83 -16.13
N ASN A 194 -26.61 0.88 -15.23
CA ASN A 194 -26.68 1.16 -13.80
C ASN A 194 -25.37 0.64 -13.21
N LEU A 195 -24.36 1.52 -13.25
CA LEU A 195 -22.98 1.09 -13.03
C LEU A 195 -22.78 0.51 -11.63
N THR A 196 -23.57 0.94 -10.66
CA THR A 196 -23.46 0.44 -9.30
C THR A 196 -24.25 -0.84 -9.08
N ARG A 197 -24.92 -1.36 -10.12
CA ARG A 197 -25.79 -2.51 -9.98
C ARG A 197 -25.60 -3.58 -11.06
N ASN A 198 -24.62 -3.41 -11.96
CA ASN A 198 -24.39 -4.38 -13.02
C ASN A 198 -22.98 -4.96 -12.95
N GLY A 199 -22.26 -4.77 -11.85
CA GLY A 199 -20.93 -5.30 -11.69
C GLY A 199 -19.82 -4.43 -12.23
N TYR A 200 -20.15 -3.40 -13.02
CA TYR A 200 -19.10 -2.56 -13.60
C TYR A 200 -18.44 -1.68 -12.54
N GLY A 201 -19.24 -0.94 -11.79
CA GLY A 201 -18.72 0.02 -10.85
C GLY A 201 -18.46 1.38 -11.48
N SER A 202 -18.37 2.39 -10.62
CA SER A 202 -18.13 3.75 -11.06
C SER A 202 -17.35 4.49 -9.99
N THR A 203 -16.66 5.54 -10.39
CA THR A 203 -15.92 6.36 -9.45
C THR A 203 -16.88 6.94 -8.41
N GLN A 204 -16.51 6.81 -7.13
CA GLN A 204 -17.36 7.20 -6.04
C GLN A 204 -16.89 8.52 -5.43
N TYR A 205 -17.86 9.37 -5.10
CA TYR A 205 -17.60 10.65 -4.45
C TYR A 205 -18.25 10.63 -3.07
N ILE A 206 -17.43 10.71 -2.03
CA ILE A 206 -17.90 10.64 -0.65
C ILE A 206 -17.92 12.06 -0.09
N ARG A 207 -19.10 12.57 0.21
CA ARG A 207 -19.26 13.79 0.97
C ARG A 207 -19.01 13.47 2.45
N PHE A 208 -18.02 14.12 3.04
CA PHE A 208 -17.61 13.78 4.40
C PHE A 208 -16.81 14.93 5.00
N SER A 209 -16.88 15.04 6.33
CA SER A 209 -16.13 16.05 7.07
C SER A 209 -15.54 15.39 8.31
N PRO A 210 -14.24 15.56 8.58
CA PRO A 210 -13.68 15.09 9.85
C PRO A 210 -13.85 16.08 11.00
N ASP A 211 -14.48 17.22 10.74
CA ASP A 211 -14.56 18.30 11.70
C ASP A 211 -15.85 18.32 12.50
N PHE A 212 -16.80 17.42 12.19
CA PHE A 212 -18.05 17.31 12.92
C PHE A 212 -18.34 15.84 13.18
N THR A 213 -19.17 15.59 14.18
CA THR A 213 -19.63 14.23 14.47
C THR A 213 -20.94 14.32 15.22
N PHE A 214 -21.62 13.17 15.34
CA PHE A 214 -22.90 13.07 16.00
C PHE A 214 -22.75 12.50 17.41
N GLY A 215 -23.71 12.82 18.26
CA GLY A 215 -23.77 12.31 19.62
C GLY A 215 -24.89 11.31 19.80
N PHE A 216 -24.63 10.30 20.63
CA PHE A 216 -25.61 9.30 20.99
C PHE A 216 -25.56 9.09 22.49
N GLU A 217 -26.66 8.57 23.04
CA GLU A 217 -26.77 8.36 24.48
C GLU A 217 -26.58 6.88 24.82
N GLU A 218 -26.06 6.64 26.03
CA GLU A 218 -25.75 5.30 26.48
C GLU A 218 -25.52 5.35 27.98
N SER A 219 -25.89 4.27 28.66
CA SER A 219 -25.82 4.18 30.12
C SER A 219 -24.87 3.04 30.49
N LEU A 220 -23.59 3.35 30.62
CA LEU A 220 -22.59 2.34 31.00
C LEU A 220 -22.88 1.81 32.40
N ALA A 230 -26.85 7.56 31.93
CA ALA A 230 -27.34 8.47 30.91
C ALA A 230 -26.20 9.30 30.31
N GLY A 231 -25.17 8.62 29.82
CA GLY A 231 -24.03 9.32 29.26
C GLY A 231 -24.28 9.77 27.82
N LYS A 232 -23.68 10.90 27.48
CA LYS A 232 -23.81 11.49 26.15
C LYS A 232 -22.46 11.37 25.43
N PHE A 233 -22.36 10.37 24.56
CA PHE A 233 -21.12 10.08 23.84
C PHE A 233 -21.18 10.60 22.41
N ALA A 234 -20.01 10.67 21.78
CA ALA A 234 -19.86 11.13 20.41
C ALA A 234 -19.35 9.99 19.53
N THR A 235 -19.85 9.92 18.30
CA THR A 235 -19.40 8.90 17.36
C THR A 235 -17.98 9.17 16.90
N ASP A 236 -17.18 8.12 16.80
CA ASP A 236 -15.82 8.25 16.31
C ASP A 236 -15.84 8.46 14.79
N PRO A 237 -15.26 9.55 14.28
CA PRO A 237 -15.34 9.81 12.83
C PRO A 237 -14.68 8.74 11.97
N ALA A 238 -13.74 7.97 12.51
CA ALA A 238 -13.18 6.86 11.73
C ALA A 238 -14.23 5.82 11.42
N VAL A 239 -15.18 5.61 12.34
CA VAL A 239 -16.29 4.70 12.07
C VAL A 239 -17.17 5.25 10.95
N THR A 240 -17.46 6.55 11.00
CA THR A 240 -18.32 7.16 9.99
C THR A 240 -17.69 7.08 8.60
N LEU A 241 -16.40 7.38 8.51
CA LEU A 241 -15.72 7.28 7.21
C LEU A 241 -15.72 5.85 6.71
N ALA A 242 -15.46 4.88 7.59
CA ALA A 242 -15.49 3.48 7.19
C ALA A 242 -16.87 3.10 6.65
N HIS A 243 -17.93 3.61 7.28
CA HIS A 243 -19.28 3.36 6.78
C HIS A 243 -19.40 3.81 5.33
N GLU A 244 -18.97 5.03 5.02
CA GLU A 244 -19.02 5.51 3.65
C GLU A 244 -18.13 4.69 2.73
N LEU A 245 -16.95 4.29 3.22
CA LEU A 245 -16.06 3.48 2.41
C LEU A 245 -16.68 2.13 2.07
N ILE A 246 -17.47 1.56 2.98
CA ILE A 246 -18.14 0.29 2.69
C ILE A 246 -19.12 0.48 1.54
N HIS A 247 -19.90 1.55 1.57
CA HIS A 247 -20.77 1.87 0.44
C HIS A 247 -19.96 1.93 -0.85
N ALA A 248 -18.83 2.63 -0.83
CA ALA A 248 -18.00 2.73 -2.03
C ALA A 248 -17.55 1.34 -2.50
N GLY A 249 -17.23 0.46 -1.56
CA GLY A 249 -16.87 -0.90 -1.93
C GLY A 249 -17.98 -1.59 -2.70
N HIS A 250 -19.20 -1.54 -2.16
CA HIS A 250 -20.35 -2.09 -2.86
C HIS A 250 -20.46 -1.51 -4.27
N ARG A 251 -20.32 -0.18 -4.38
CA ARG A 251 -20.62 0.49 -5.63
C ARG A 251 -19.48 0.38 -6.64
N LEU A 252 -18.23 0.22 -6.16
CA LEU A 252 -17.12 0.04 -7.08
C LEU A 252 -17.15 -1.32 -7.75
N TYR A 253 -17.71 -2.33 -7.09
CA TYR A 253 -17.87 -3.66 -7.68
C TYR A 253 -19.26 -3.87 -8.26
N GLY A 254 -20.08 -2.82 -8.32
CA GLY A 254 -21.37 -2.90 -8.98
C GLY A 254 -22.31 -3.91 -8.36
N ILE A 255 -22.28 -4.06 -7.03
CA ILE A 255 -23.14 -5.01 -6.35
C ILE A 255 -23.97 -4.30 -5.28
N ALA A 256 -24.28 -3.03 -5.52
CA ALA A 256 -25.12 -2.27 -4.60
C ALA A 256 -26.56 -2.76 -4.69
N ILE A 257 -27.29 -2.58 -3.60
CA ILE A 257 -28.71 -2.91 -3.55
C ILE A 257 -29.49 -1.71 -4.05
N ASN A 258 -30.49 -1.98 -4.89
CA ASN A 258 -31.29 -0.90 -5.43
C ASN A 258 -31.83 -0.05 -4.29
N PRO A 259 -31.66 1.28 -4.33
CA PRO A 259 -32.11 2.10 -3.19
C PRO A 259 -33.61 2.07 -2.96
N ASN A 260 -34.40 1.47 -3.85
CA ASN A 260 -35.84 1.35 -3.63
C ASN A 260 -36.21 0.18 -2.73
N ARG A 261 -35.28 -0.73 -2.46
CA ARG A 261 -35.48 -1.79 -1.48
C ARG A 261 -35.25 -1.22 -0.09
N VAL A 262 -36.33 -1.00 0.65
CA VAL A 262 -36.29 -0.22 1.89
C VAL A 262 -36.95 -0.99 3.03
N PHE A 263 -37.07 -0.34 4.18
CA PHE A 263 -37.68 -0.96 5.35
C PHE A 263 -38.62 0.02 6.05
N GLU A 277 -38.45 4.38 7.15
CA GLU A 277 -37.91 3.99 5.86
C GLU A 277 -36.40 3.96 5.87
N VAL A 278 -35.83 2.77 5.69
CA VAL A 278 -34.38 2.58 5.63
C VAL A 278 -34.07 1.60 4.53
N SER A 279 -33.18 1.98 3.62
CA SER A 279 -32.77 1.12 2.53
C SER A 279 -32.03 -0.10 3.07
N PHE A 280 -32.23 -1.25 2.43
CA PHE A 280 -31.43 -2.42 2.77
C PHE A 280 -29.94 -2.12 2.67
N GLU A 281 -29.56 -1.27 1.71
CA GLU A 281 -28.15 -0.94 1.51
C GLU A 281 -27.55 -0.38 2.79
N GLU A 282 -28.31 0.41 3.55
CA GLU A 282 -27.81 0.95 4.80
C GLU A 282 -27.71 -0.14 5.86
N LEU A 283 -28.74 -0.99 5.96
CA LEU A 283 -28.72 -2.06 6.95
C LEU A 283 -27.56 -3.01 6.71
N ARG A 284 -27.31 -3.36 5.45
CA ARG A 284 -26.17 -4.22 5.12
C ARG A 284 -24.86 -3.55 5.53
N THR A 285 -24.73 -2.25 5.24
CA THR A 285 -23.49 -1.53 5.55
C THR A 285 -23.24 -1.50 7.05
N PHE A 286 -24.28 -1.18 7.84
CA PHE A 286 -24.13 -1.17 9.29
C PHE A 286 -23.73 -2.54 9.80
N GLY A 287 -24.33 -3.60 9.24
CA GLY A 287 -24.01 -4.95 9.65
C GLY A 287 -24.65 -5.35 10.95
N GLY A 288 -23.93 -6.11 11.77
CA GLY A 288 -24.46 -6.54 13.05
C GLY A 288 -25.80 -7.21 12.88
N HIS A 289 -26.61 -7.15 13.93
CA HIS A 289 -27.93 -7.76 13.89
C HIS A 289 -28.91 -6.96 13.04
N ASP A 290 -28.58 -5.71 12.70
CA ASP A 290 -29.41 -4.96 11.76
C ASP A 290 -29.40 -5.60 10.38
N ALA A 291 -28.27 -6.17 9.97
CA ALA A 291 -28.20 -6.81 8.66
C ALA A 291 -29.18 -7.98 8.57
N LYS A 292 -29.45 -8.63 9.70
CA LYS A 292 -30.36 -9.76 9.71
C LYS A 292 -31.79 -9.35 9.37
N PHE A 293 -32.13 -8.06 9.42
CA PHE A 293 -33.46 -7.64 9.01
C PHE A 293 -33.70 -7.95 7.53
N ILE A 294 -32.64 -7.93 6.73
CA ILE A 294 -32.80 -8.18 5.30
C ILE A 294 -33.27 -9.61 5.08
N ASP A 295 -34.21 -9.78 4.16
CA ASP A 295 -34.71 -11.11 3.79
C ASP A 295 -33.55 -11.99 3.34
N SER A 296 -33.23 -13.01 4.14
CA SER A 296 -32.10 -13.88 3.83
C SER A 296 -32.23 -14.47 2.43
N LEU A 297 -33.42 -14.95 2.06
CA LEU A 297 -33.59 -15.57 0.77
C LEU A 297 -33.52 -14.56 -0.37
N GLN A 298 -33.93 -13.32 -0.13
CA GLN A 298 -33.73 -12.30 -1.16
C GLN A 298 -32.25 -11.97 -1.31
N GLU A 299 -31.46 -12.12 -0.24
CA GLU A 299 -30.02 -11.94 -0.36
C GLU A 299 -29.40 -13.04 -1.23
N ASN A 300 -29.83 -14.29 -1.03
CA ASN A 300 -29.41 -15.35 -1.93
C ASN A 300 -29.82 -15.03 -3.36
N GLU A 301 -30.97 -14.37 -3.53
CA GLU A 301 -31.37 -13.88 -4.84
C GLU A 301 -30.42 -12.79 -5.32
N PHE A 302 -30.05 -11.87 -4.43
CA PHE A 302 -29.05 -10.87 -4.77
C PHE A 302 -27.74 -11.53 -5.20
N ARG A 303 -27.30 -12.55 -4.46
CA ARG A 303 -26.03 -13.18 -4.74
C ARG A 303 -25.99 -13.76 -6.15
N LEU A 304 -27.05 -14.45 -6.55
CA LEU A 304 -27.11 -15.03 -7.89
C LEU A 304 -27.24 -13.96 -8.96
N TYR A 305 -27.87 -12.83 -8.63
CA TYR A 305 -28.03 -11.77 -9.63
C TYR A 305 -26.69 -11.18 -10.03
N TYR A 306 -25.77 -11.02 -9.08
CA TYR A 306 -24.47 -10.44 -9.37
C TYR A 306 -23.44 -11.48 -9.78
N TYR A 307 -23.66 -12.75 -9.44
CA TYR A 307 -22.87 -13.82 -10.02
C TYR A 307 -23.02 -13.83 -11.54
N ASN A 308 -24.27 -13.74 -12.01
CA ASN A 308 -24.51 -13.67 -13.45
C ASN A 308 -23.97 -12.38 -14.06
N LYS A 309 -23.95 -11.29 -13.30
CA LYS A 309 -23.39 -10.05 -13.84
C LYS A 309 -21.88 -10.18 -14.03
N PHE A 310 -21.19 -10.83 -13.08
CA PHE A 310 -19.76 -11.06 -13.23
C PHE A 310 -19.49 -11.97 -14.43
N LYS A 311 -20.37 -12.95 -14.66
CA LYS A 311 -20.18 -13.85 -15.80
C LYS A 311 -20.26 -13.08 -17.12
N ASP A 312 -21.20 -12.14 -17.22
CA ASP A 312 -21.30 -11.33 -18.44
C ASP A 312 -20.06 -10.48 -18.63
N ILE A 313 -19.47 -9.99 -17.54
CA ILE A 313 -18.23 -9.21 -17.64
C ILE A 313 -17.12 -10.10 -18.17
N ALA A 314 -17.06 -11.36 -17.71
CA ALA A 314 -16.09 -12.30 -18.24
C ALA A 314 -16.28 -12.51 -19.74
N SER A 315 -17.53 -12.68 -20.17
CA SER A 315 -17.81 -12.86 -21.59
C SER A 315 -17.34 -11.65 -22.39
N THR A 316 -17.66 -10.45 -21.90
CA THR A 316 -17.22 -9.23 -22.60
C THR A 316 -15.71 -9.19 -22.73
N LEU A 317 -14.99 -9.59 -21.68
CA LEU A 317 -13.54 -9.64 -21.76
C LEU A 317 -13.08 -10.65 -22.81
N ASN A 318 -13.81 -11.76 -22.96
CA ASN A 318 -13.43 -12.76 -23.94
C ASN A 318 -13.69 -12.28 -25.36
N LYS A 319 -14.80 -11.54 -25.56
CA LYS A 319 -15.12 -11.03 -26.89
C LYS A 319 -14.25 -9.86 -27.30
N ALA A 320 -13.61 -9.19 -26.35
CA ALA A 320 -12.84 -7.99 -26.65
C ALA A 320 -11.68 -8.31 -27.59
N LYS A 321 -11.65 -7.64 -28.74
CA LYS A 321 -10.57 -7.79 -29.70
C LYS A 321 -9.73 -6.53 -29.87
N SER A 322 -10.23 -5.37 -29.42
CA SER A 322 -9.52 -4.12 -29.58
C SER A 322 -9.79 -3.24 -28.36
N ILE A 323 -8.97 -2.20 -28.21
CA ILE A 323 -9.09 -1.27 -27.10
C ILE A 323 -8.88 0.15 -27.60
N VAL A 324 -9.64 1.09 -27.02
CA VAL A 324 -9.52 2.52 -27.32
C VAL A 324 -8.82 3.18 -26.14
N GLY A 325 -7.79 3.97 -26.44
CA GLY A 325 -7.06 4.68 -25.40
C GLY A 325 -5.56 4.52 -25.54
N SER A 329 -2.44 -1.66 -23.83
CA SER A 329 -2.76 -2.86 -24.61
C SER A 329 -4.01 -3.53 -24.07
N LEU A 330 -4.65 -4.35 -24.92
CA LEU A 330 -5.89 -5.00 -24.53
C LEU A 330 -5.66 -6.03 -23.43
N GLN A 331 -4.61 -6.85 -23.57
CA GLN A 331 -4.38 -7.93 -22.61
C GLN A 331 -4.15 -7.38 -21.21
N TYR A 332 -3.44 -6.24 -21.11
CA TYR A 332 -3.20 -5.63 -19.81
C TYR A 332 -4.52 -5.26 -19.12
N MET A 333 -5.38 -4.52 -19.82
CA MET A 333 -6.69 -4.20 -19.25
C MET A 333 -7.48 -5.45 -18.97
N LYS A 334 -7.28 -6.50 -19.77
CA LYS A 334 -7.91 -7.79 -19.49
C LYS A 334 -7.40 -8.35 -18.16
N ASN A 335 -6.11 -8.16 -17.87
CA ASN A 335 -5.56 -8.64 -16.60
C ASN A 335 -5.89 -7.73 -15.43
N VAL A 336 -6.13 -6.44 -15.68
CA VAL A 336 -6.59 -5.57 -14.60
C VAL A 336 -7.93 -6.07 -14.07
N PHE A 337 -8.86 -6.40 -14.97
CA PHE A 337 -10.18 -6.86 -14.56
C PHE A 337 -10.24 -8.36 -14.27
N LYS A 338 -9.23 -9.13 -14.66
CA LYS A 338 -9.05 -10.46 -14.08
C LYS A 338 -8.73 -10.37 -12.58
N GLU A 339 -7.86 -9.43 -12.20
CA GLU A 339 -7.47 -9.26 -10.78
C GLU A 339 -8.64 -8.77 -9.91
N LYS A 340 -9.28 -7.67 -10.33
CA LYS A 340 -10.43 -7.10 -9.61
C LYS A 340 -11.48 -8.16 -9.30
N TYR A 341 -12.00 -8.83 -10.34
CA TYR A 341 -13.10 -9.76 -10.17
C TYR A 341 -12.63 -11.18 -9.84
N LEU A 342 -11.32 -11.39 -9.68
CA LEU A 342 -10.78 -12.68 -9.29
C LEU A 342 -11.23 -13.79 -10.24
N LEU A 343 -11.11 -13.50 -11.54
CA LEU A 343 -11.52 -14.44 -12.56
C LEU A 343 -10.46 -15.51 -12.77
N SER A 344 -10.90 -16.72 -13.09
CA SER A 344 -10.00 -17.80 -13.46
C SER A 344 -9.71 -17.75 -14.96
N GLU A 345 -8.56 -18.32 -15.34
CA GLU A 345 -8.13 -18.33 -16.72
C GLU A 345 -7.61 -19.71 -17.07
N ASP A 346 -8.13 -20.28 -18.16
CA ASP A 346 -7.75 -21.62 -18.58
C ASP A 346 -6.52 -21.56 -19.50
N THR A 347 -6.07 -22.73 -19.95
CA THR A 347 -4.92 -22.79 -20.84
C THR A 347 -5.16 -22.01 -22.13
N SER A 348 -6.42 -21.85 -22.52
CA SER A 348 -6.76 -21.11 -23.73
C SER A 348 -6.73 -19.60 -23.53
N GLY A 349 -6.56 -19.12 -22.29
CA GLY A 349 -6.65 -17.71 -22.01
C GLY A 349 -8.06 -17.20 -21.83
N LYS A 350 -9.04 -18.09 -21.72
CA LYS A 350 -10.43 -17.71 -21.55
C LYS A 350 -10.74 -17.46 -20.08
N PHE A 351 -11.39 -16.34 -19.80
CA PHE A 351 -11.75 -15.98 -18.43
C PHE A 351 -13.10 -16.61 -18.05
N SER A 352 -13.24 -16.93 -16.77
CA SER A 352 -14.49 -17.43 -16.25
C SER A 352 -14.53 -17.17 -14.75
N VAL A 353 -15.75 -17.17 -14.20
CA VAL A 353 -15.97 -16.91 -12.77
C VAL A 353 -15.96 -18.22 -12.01
N ASP A 354 -15.11 -18.31 -11.00
CA ASP A 354 -15.11 -19.44 -10.07
C ASP A 354 -16.10 -19.13 -8.95
N LYS A 355 -17.06 -20.03 -8.75
CA LYS A 355 -18.11 -19.78 -7.75
C LYS A 355 -17.53 -19.53 -6.37
N LEU A 356 -16.45 -20.24 -6.02
CA LEU A 356 -15.87 -20.09 -4.68
C LEU A 356 -15.17 -18.74 -4.52
N LYS A 357 -14.49 -18.28 -5.56
CA LYS A 357 -13.84 -16.97 -5.49
C LYS A 357 -14.86 -15.84 -5.57
N PHE A 358 -15.99 -16.05 -6.22
CA PHE A 358 -17.06 -15.06 -6.20
C PHE A 358 -17.68 -14.96 -4.81
N ASP A 359 -18.06 -16.10 -4.23
CA ASP A 359 -18.64 -16.10 -2.89
C ASP A 359 -17.69 -15.44 -1.89
N LYS A 360 -16.40 -15.73 -1.98
CA LYS A 360 -15.43 -15.11 -1.08
C LYS A 360 -15.40 -13.60 -1.25
N LEU A 361 -15.30 -13.12 -2.49
CA LEU A 361 -15.28 -11.68 -2.74
C LEU A 361 -16.60 -11.05 -2.33
N TYR A 362 -17.71 -11.65 -2.74
CA TYR A 362 -19.03 -11.11 -2.43
C TYR A 362 -19.23 -11.04 -0.91
N LYS A 363 -18.90 -12.14 -0.22
CA LYS A 363 -19.09 -12.18 1.22
C LYS A 363 -18.22 -11.15 1.94
N MET A 364 -17.00 -10.94 1.44
CA MET A 364 -16.14 -9.92 2.01
C MET A 364 -16.78 -8.53 1.91
N LEU A 365 -17.29 -8.20 0.73
CA LEU A 365 -17.78 -6.85 0.47
C LEU A 365 -19.10 -6.57 1.18
N THR A 366 -19.92 -7.60 1.40
CA THR A 366 -21.27 -7.41 1.93
C THR A 366 -21.44 -7.82 3.38
N GLU A 367 -20.74 -8.86 3.83
CA GLU A 367 -20.91 -9.37 5.19
C GLU A 367 -19.80 -8.94 6.14
N ILE A 368 -18.55 -8.95 5.68
CA ILE A 368 -17.41 -8.69 6.56
C ILE A 368 -17.15 -7.19 6.70
N TYR A 369 -17.14 -6.47 5.58
CA TYR A 369 -16.95 -5.03 5.62
C TYR A 369 -18.24 -4.37 6.13
N THR A 370 -18.35 -4.20 7.45
CA THR A 370 -19.49 -3.58 8.06
C THR A 370 -19.05 -2.56 9.11
N GLU A 371 -19.92 -1.60 9.39
CA GLU A 371 -19.65 -0.66 10.47
C GLU A 371 -19.51 -1.38 11.80
N ASP A 372 -20.39 -2.34 12.06
CA ASP A 372 -20.36 -3.06 13.33
C ASP A 372 -19.01 -3.74 13.54
N ASN A 373 -18.45 -4.36 12.48
CA ASN A 373 -17.17 -5.04 12.63
C ASN A 373 -16.03 -4.04 12.81
N PHE A 374 -16.11 -2.86 12.20
CA PHE A 374 -15.10 -1.84 12.45
C PHE A 374 -15.17 -1.36 13.89
N VAL A 375 -16.38 -1.24 14.44
CA VAL A 375 -16.52 -0.88 15.85
C VAL A 375 -15.76 -1.86 16.73
N LYS A 376 -15.84 -3.16 16.42
CA LYS A 376 -15.16 -4.16 17.23
C LYS A 376 -13.65 -4.07 17.06
N PHE A 377 -13.17 -3.81 15.84
CA PHE A 377 -11.74 -3.71 15.62
C PHE A 377 -11.17 -2.45 16.26
N PHE A 378 -11.92 -1.34 16.22
CA PHE A 378 -11.48 -0.11 16.88
C PHE A 378 -11.61 -0.19 18.39
N LYS A 379 -12.49 -1.04 18.91
CA LYS A 379 -12.77 -1.06 20.35
C LYS A 379 -13.25 0.31 20.83
N VAL A 380 -14.24 0.85 20.15
CA VAL A 380 -14.85 2.13 20.50
C VAL A 380 -16.32 1.90 20.83
N LEU A 381 -16.95 2.93 21.39
CA LEU A 381 -18.38 2.92 21.64
C LEU A 381 -19.11 3.47 20.42
N ASN A 382 -20.24 2.86 20.09
CA ASN A 382 -21.01 3.23 18.91
C ASN A 382 -22.47 2.90 19.14
N ARG A 383 -23.34 3.59 18.41
CA ARG A 383 -24.75 3.26 18.44
C ARG A 383 -24.97 1.83 17.96
N LYS A 384 -25.98 1.17 18.52
CA LYS A 384 -26.19 -0.25 18.29
C LYS A 384 -27.06 -0.55 17.07
N THR A 385 -27.71 0.46 16.50
CA THR A 385 -28.51 0.29 15.30
C THR A 385 -28.33 1.51 14.40
N TYR A 386 -28.58 1.31 13.11
CA TYR A 386 -28.36 2.39 12.14
C TYR A 386 -29.12 3.65 12.52
N LEU A 387 -30.22 3.52 13.26
CA LEU A 387 -30.95 4.69 13.76
C LEU A 387 -30.93 4.72 15.28
N LYS A 391 -28.58 12.44 17.56
CA LYS A 391 -29.37 13.27 18.45
C LYS A 391 -28.85 14.70 18.48
N ALA A 392 -27.53 14.85 18.59
CA ALA A 392 -26.88 16.15 18.63
C ALA A 392 -25.67 16.15 17.71
N VAL A 393 -25.15 17.35 17.45
CA VAL A 393 -24.02 17.56 16.56
C VAL A 393 -22.93 18.31 17.31
N PHE A 394 -21.68 17.90 17.10
CA PHE A 394 -20.55 18.47 17.83
C PHE A 394 -19.43 18.85 16.86
N LYS A 395 -18.82 20.00 17.12
CA LYS A 395 -17.59 20.37 16.44
C LYS A 395 -16.41 19.69 17.11
N ILE A 396 -15.46 19.20 16.30
CA ILE A 396 -14.32 18.45 16.79
C ILE A 396 -13.07 18.87 16.03
N ASN A 397 -11.91 18.48 16.57
CA ASN A 397 -10.63 18.68 15.91
C ASN A 397 -9.75 17.49 16.25
N ILE A 398 -9.64 16.53 15.31
CA ILE A 398 -8.91 15.30 15.55
C ILE A 398 -7.44 15.38 15.16
N VAL A 399 -7.00 16.51 14.60
CA VAL A 399 -5.66 16.59 14.02
C VAL A 399 -4.60 16.60 15.13
N PRO A 400 -4.76 17.39 16.20
CA PRO A 400 -3.75 17.36 17.27
C PRO A 400 -3.66 15.97 17.89
N LYS A 401 -2.43 15.50 18.07
CA LYS A 401 -2.21 14.18 18.67
C LYS A 401 -2.79 14.11 20.07
N VAL A 402 -2.77 15.23 20.80
CA VAL A 402 -3.30 15.25 22.16
C VAL A 402 -4.82 15.17 22.21
N ASN A 403 -5.48 15.32 21.07
CA ASN A 403 -6.94 15.21 20.99
C ASN A 403 -7.41 13.85 20.49
N TYR A 404 -6.64 13.21 19.62
CA TYR A 404 -7.12 12.05 18.90
C TYR A 404 -5.94 11.36 18.22
N THR A 405 -5.81 10.04 18.37
CA THR A 405 -4.68 9.30 17.85
C THR A 405 -5.14 8.20 16.90
N ILE A 406 -4.22 7.79 16.04
CA ILE A 406 -4.51 6.74 15.05
C ILE A 406 -4.92 5.45 15.75
N TYR A 407 -4.26 5.11 16.85
CA TYR A 407 -4.54 3.83 17.51
C TYR A 407 -5.74 3.91 18.43
N ASP A 408 -5.87 4.99 19.19
CA ASP A 408 -6.86 5.07 20.27
C ASP A 408 -8.05 5.97 19.97
N GLY A 409 -8.02 6.74 18.88
CA GLY A 409 -9.08 7.70 18.67
C GLY A 409 -9.11 8.70 19.82
N PHE A 410 -10.30 8.95 20.36
CA PHE A 410 -10.44 9.86 21.49
C PHE A 410 -10.01 9.25 22.81
N ASN A 411 -9.96 7.92 22.91
CA ASN A 411 -9.75 7.24 24.18
C ASN A 411 -8.25 7.01 24.40
N LEU A 412 -7.55 8.11 24.64
CA LEU A 412 -6.09 8.06 24.74
C LEU A 412 -5.66 7.12 25.85
N ARG A 413 -4.80 6.16 25.50
CA ARG A 413 -4.26 5.24 26.47
C ARG A 413 -3.42 5.96 27.53
N ASN A 414 -3.32 5.34 28.70
CA ASN A 414 -2.54 5.89 29.81
C ASN A 414 -3.07 7.24 30.27
N THR A 415 -4.38 7.45 30.11
CA THR A 415 -5.04 8.67 30.58
C THR A 415 -6.41 8.29 31.11
N ASN A 416 -7.05 9.24 31.78
CA ASN A 416 -8.41 9.02 32.26
C ASN A 416 -9.38 8.78 31.11
N LEU A 417 -9.02 9.15 29.89
CA LEU A 417 -9.87 8.88 28.74
C LEU A 417 -9.77 7.45 28.26
N ALA A 418 -8.81 6.68 28.77
CA ALA A 418 -8.61 5.31 28.29
C ALA A 418 -9.73 4.38 28.71
N ALA A 419 -10.32 4.61 29.88
CA ALA A 419 -11.28 3.67 30.46
C ALA A 419 -12.71 4.11 30.18
N ASN A 420 -13.59 3.11 30.03
CA ASN A 420 -15.04 3.34 29.92
C ASN A 420 -15.38 4.33 28.80
N PHE A 421 -14.56 4.37 27.76
CA PHE A 421 -14.79 5.24 26.61
C PHE A 421 -14.93 6.70 27.03
N ASN A 422 -14.24 7.08 28.10
CA ASN A 422 -14.32 8.46 28.59
C ASN A 422 -13.92 9.46 27.52
N GLY A 423 -13.01 9.09 26.63
CA GLY A 423 -12.61 9.98 25.56
C GLY A 423 -13.76 10.38 24.66
N GLN A 424 -14.73 9.48 24.49
CA GLN A 424 -15.91 9.77 23.68
C GLN A 424 -17.04 10.40 24.48
N ASN A 425 -16.90 10.48 25.80
CA ASN A 425 -17.91 11.10 26.66
C ASN A 425 -17.84 12.61 26.51
N THR A 426 -18.89 13.22 25.94
CA THR A 426 -18.86 14.64 25.65
C THR A 426 -18.84 15.50 26.91
N GLU A 427 -19.15 14.94 28.08
CA GLU A 427 -19.06 15.68 29.32
C GLU A 427 -17.67 15.56 29.95
N ILE A 428 -17.20 14.33 30.14
CA ILE A 428 -15.86 14.12 30.70
C ILE A 428 -14.82 14.80 29.82
N ASN A 429 -14.85 14.51 28.52
CA ASN A 429 -13.89 15.05 27.56
C ASN A 429 -14.46 16.27 26.85
N ASN A 430 -15.09 17.18 27.59
CA ASN A 430 -15.75 18.33 26.98
C ASN A 430 -14.77 19.17 26.16
N MET A 431 -13.48 19.15 26.50
CA MET A 431 -12.50 19.93 25.77
C MET A 431 -12.49 19.60 24.28
N ASN A 432 -12.92 18.40 23.90
CA ASN A 432 -12.84 17.94 22.51
C ASN A 432 -14.15 18.03 21.76
N PHE A 433 -15.22 18.54 22.39
CA PHE A 433 -16.54 18.55 21.76
C PHE A 433 -17.24 19.86 22.07
N THR A 434 -17.60 20.60 21.02
CA THR A 434 -18.39 21.81 21.13
C THR A 434 -19.77 21.52 20.53
N LYS A 435 -20.80 21.53 21.38
CA LYS A 435 -22.15 21.25 20.91
C LYS A 435 -22.65 22.41 20.06
N LEU A 436 -23.33 22.08 18.97
CA LEU A 436 -23.86 23.08 18.05
C LEU A 436 -25.37 23.01 17.98
N SER B 11 -3.47 -25.18 -4.39
CA SER B 11 -3.66 -23.72 -4.14
C SER B 11 -2.48 -23.15 -3.36
N SER B 12 -2.22 -21.85 -3.54
CA SER B 12 -1.04 -21.21 -2.97
C SER B 12 -1.34 -20.45 -1.69
N GLY B 13 -2.60 -20.13 -1.42
CA GLY B 13 -2.95 -19.39 -0.22
C GLY B 13 -2.37 -17.98 -0.17
N LEU B 14 -2.35 -17.29 -1.32
CA LEU B 14 -1.76 -15.96 -1.37
C LEU B 14 -2.64 -14.88 -0.74
N VAL B 15 -3.92 -15.15 -0.53
CA VAL B 15 -4.85 -14.17 0.03
C VAL B 15 -5.62 -14.84 1.16
N PRO B 16 -4.98 -15.10 2.30
CA PRO B 16 -5.69 -15.79 3.38
C PRO B 16 -6.86 -15.00 3.94
N ARG B 17 -6.84 -13.67 3.86
CA ARG B 17 -7.93 -12.85 4.36
C ARG B 17 -8.12 -11.65 3.43
N GLY B 18 -9.39 -11.34 3.15
CA GLY B 18 -9.71 -10.28 2.23
C GLY B 18 -9.93 -10.77 0.82
N SER B 19 -9.97 -9.81 -0.11
CA SER B 19 -10.21 -10.12 -1.51
C SER B 19 -8.94 -10.14 -2.34
N HIS B 20 -7.93 -9.34 -2.00
CA HIS B 20 -6.73 -9.22 -2.81
C HIS B 20 -5.50 -9.12 -1.91
N MET B 21 -4.35 -9.43 -2.49
CA MET B 21 -3.08 -9.26 -1.79
C MET B 21 -2.89 -7.79 -1.43
N GLN B 22 -2.26 -7.55 -0.28
CA GLN B 22 -2.20 -6.20 0.27
C GLN B 22 -0.93 -5.44 -0.09
N PHE B 23 0.13 -6.11 -0.54
CA PHE B 23 1.32 -5.41 -1.01
C PHE B 23 1.59 -5.67 -2.49
N VAL B 24 1.67 -6.94 -2.89
CA VAL B 24 1.89 -7.27 -4.30
C VAL B 24 0.66 -6.87 -5.11
N ASN B 25 0.89 -6.28 -6.28
CA ASN B 25 -0.20 -5.67 -7.03
C ASN B 25 -1.05 -6.69 -7.79
N LYS B 26 -0.44 -7.79 -8.26
CA LYS B 26 -1.15 -8.75 -9.09
C LYS B 26 -0.68 -10.15 -8.76
N GLN B 27 -1.57 -11.13 -8.96
CA GLN B 27 -1.22 -12.54 -8.89
C GLN B 27 -0.68 -12.94 -10.25
N PHE B 28 0.62 -12.76 -10.43
CA PHE B 28 1.26 -13.00 -11.72
C PHE B 28 1.44 -14.50 -11.97
N ASN B 29 1.34 -14.87 -13.24
CA ASN B 29 1.86 -16.13 -13.75
C ASN B 29 3.00 -15.82 -14.71
N TYR B 30 4.08 -16.62 -14.64
CA TYR B 30 5.21 -16.36 -15.52
C TYR B 30 4.78 -16.38 -16.98
N LYS B 31 3.73 -17.11 -17.30
CA LYS B 31 3.21 -17.20 -18.67
C LYS B 31 2.43 -15.96 -19.09
N ASP B 32 2.08 -15.08 -18.15
CA ASP B 32 1.28 -13.92 -18.47
C ASP B 32 1.91 -13.15 -19.63
N PRO B 33 1.14 -12.76 -20.65
CA PRO B 33 1.74 -12.05 -21.78
C PRO B 33 2.28 -10.69 -21.36
N VAL B 34 3.33 -10.28 -22.07
CA VAL B 34 3.99 -9.02 -21.74
C VAL B 34 3.08 -7.85 -22.06
N ASN B 35 3.03 -6.88 -21.16
CA ASN B 35 2.51 -5.56 -21.44
C ASN B 35 3.67 -4.57 -21.35
N GLY B 36 3.35 -3.28 -21.26
CA GLY B 36 4.38 -2.27 -21.10
C GLY B 36 4.34 -1.61 -19.74
N VAL B 37 3.65 -2.24 -18.79
CA VAL B 37 3.37 -1.61 -17.51
C VAL B 37 4.01 -2.39 -16.37
N ASP B 38 3.49 -3.58 -16.08
CA ASP B 38 3.98 -4.38 -14.97
C ASP B 38 4.49 -5.76 -15.38
N ILE B 39 4.40 -6.14 -16.65
CA ILE B 39 5.06 -7.33 -17.18
C ILE B 39 5.80 -6.92 -18.44
N ALA B 40 7.13 -6.97 -18.42
CA ALA B 40 7.92 -6.45 -19.53
C ALA B 40 9.30 -7.09 -19.51
N TYR B 41 9.90 -7.17 -20.70
CA TYR B 41 11.32 -7.45 -20.81
C TYR B 41 12.09 -6.16 -20.51
N ILE B 42 13.15 -6.28 -19.70
CA ILE B 42 13.87 -5.12 -19.20
C ILE B 42 15.37 -5.35 -19.31
N LYS B 43 16.11 -4.26 -19.23
CA LYS B 43 17.57 -4.26 -19.30
C LYS B 43 18.15 -3.44 -18.16
N ILE B 44 19.26 -3.90 -17.61
CA ILE B 44 20.01 -3.15 -16.60
C ILE B 44 21.02 -2.28 -17.33
N PRO B 45 21.16 -0.98 -16.99
CA PRO B 45 22.15 -0.14 -17.68
C PRO B 45 23.59 -0.57 -17.44
N ASN B 46 24.22 -1.17 -18.45
CA ASN B 46 25.66 -1.49 -18.45
C ASN B 46 26.01 -2.37 -19.64
N GLN B 49 26.94 -6.70 -22.46
CA GLN B 49 25.54 -6.35 -22.65
C GLN B 49 24.67 -7.60 -22.61
N MET B 50 23.42 -7.44 -22.18
CA MET B 50 22.55 -8.56 -21.86
C MET B 50 21.36 -8.61 -22.81
N GLN B 51 20.82 -9.81 -22.99
CA GLN B 51 19.53 -9.95 -23.63
C GLN B 51 18.44 -9.57 -22.61
N PRO B 52 17.42 -8.82 -23.02
CA PRO B 52 16.38 -8.46 -22.06
C PRO B 52 15.80 -9.70 -21.39
N VAL B 53 15.39 -9.54 -20.14
CA VAL B 53 14.80 -10.62 -19.36
C VAL B 53 13.41 -10.22 -18.94
N LYS B 54 12.51 -11.20 -18.90
CA LYS B 54 11.13 -10.93 -18.51
C LYS B 54 11.07 -10.64 -17.01
N ALA B 55 10.43 -9.53 -16.65
CA ALA B 55 10.38 -9.08 -15.28
C ALA B 55 8.96 -8.69 -14.92
N PHE B 56 8.68 -8.65 -13.62
CA PHE B 56 7.35 -8.41 -13.10
C PHE B 56 7.41 -7.33 -12.02
N LYS B 57 6.57 -6.30 -12.18
CA LYS B 57 6.51 -5.19 -11.24
C LYS B 57 5.49 -5.54 -10.16
N ILE B 58 5.98 -6.03 -9.02
CA ILE B 58 5.07 -6.48 -7.96
C ILE B 58 4.54 -5.32 -7.14
N HIS B 59 5.25 -4.19 -7.10
CA HIS B 59 4.82 -3.03 -6.34
C HIS B 59 5.51 -1.81 -6.91
N ASN B 60 4.97 -0.65 -6.57
CA ASN B 60 5.62 0.61 -6.91
C ASN B 60 7.08 0.57 -6.51
N LYS B 61 7.96 0.77 -7.49
CA LYS B 61 9.41 0.85 -7.31
C LYS B 61 10.06 -0.50 -7.00
N ILE B 62 9.35 -1.61 -7.16
CA ILE B 62 9.89 -2.93 -6.86
C ILE B 62 9.60 -3.86 -8.04
N TRP B 63 10.64 -4.54 -8.53
CA TRP B 63 10.53 -5.49 -9.62
C TRP B 63 11.13 -6.83 -9.21
N VAL B 64 10.65 -7.89 -9.87
CA VAL B 64 11.13 -9.24 -9.64
C VAL B 64 11.59 -9.82 -10.98
N ILE B 65 12.84 -10.26 -11.03
CA ILE B 65 13.40 -10.91 -12.21
C ILE B 65 13.63 -12.39 -11.89
N PRO B 66 12.75 -13.30 -12.31
CA PRO B 66 12.96 -14.72 -11.98
C PRO B 66 14.02 -15.38 -12.88
N GLU B 67 15.25 -14.89 -12.76
CA GLU B 67 16.38 -15.40 -13.53
C GLU B 67 17.59 -15.51 -12.63
N ARG B 68 18.49 -16.42 -12.98
CA ARG B 68 19.79 -16.47 -12.32
C ARG B 68 20.58 -15.21 -12.67
N ASP B 69 21.20 -14.60 -11.66
CA ASP B 69 21.89 -13.34 -11.87
C ASP B 69 23.20 -13.55 -12.62
N THR B 70 23.15 -13.48 -13.95
CA THR B 70 24.35 -13.48 -14.77
C THR B 70 24.57 -12.14 -15.46
N PHE B 71 23.91 -11.08 -14.97
CA PHE B 71 23.94 -9.77 -15.59
C PHE B 71 24.55 -8.71 -14.70
N THR B 72 24.28 -8.77 -13.40
CA THR B 72 24.71 -7.71 -12.49
C THR B 72 26.22 -7.55 -12.50
N ASN B 73 26.95 -8.66 -12.41
CA ASN B 73 28.41 -8.64 -12.35
C ASN B 73 28.99 -9.08 -13.68
N PRO B 74 29.89 -8.30 -14.29
CA PRO B 74 30.44 -8.72 -15.59
C PRO B 74 31.27 -9.99 -15.53
N GLU B 75 31.85 -10.31 -14.38
CA GLU B 75 32.71 -11.49 -14.24
C GLU B 75 31.96 -12.72 -13.76
N GLU B 76 30.65 -12.64 -13.54
CA GLU B 76 29.85 -13.76 -13.07
C GLU B 76 28.75 -14.11 -14.07
N GLY B 77 29.09 -14.07 -15.36
CA GLY B 77 28.16 -14.45 -16.41
C GLY B 77 27.99 -15.93 -16.64
N ASP B 78 28.65 -16.78 -15.85
CA ASP B 78 28.60 -18.23 -16.03
C ASP B 78 28.10 -18.88 -14.75
N LEU B 79 27.31 -19.95 -14.89
CA LEU B 79 26.68 -20.61 -13.76
C LEU B 79 27.38 -21.92 -13.37
N ASN B 80 28.64 -22.08 -13.74
CA ASN B 80 29.37 -23.31 -13.40
C ASN B 80 30.33 -23.04 -12.25
N PRO B 81 30.72 -24.08 -11.51
CA PRO B 81 31.57 -23.88 -10.35
C PRO B 81 32.91 -23.29 -10.76
N PRO B 82 33.59 -22.57 -9.86
CA PRO B 82 34.94 -22.08 -10.15
C PRO B 82 35.97 -23.20 -10.20
N VAL B 90 30.82 -22.77 2.50
CA VAL B 90 29.83 -23.72 2.00
C VAL B 90 29.04 -23.08 0.87
N SER B 91 29.14 -23.66 -0.32
CA SER B 91 28.40 -23.23 -1.50
C SER B 91 27.61 -24.39 -2.07
N TYR B 92 26.73 -24.08 -3.02
CA TYR B 92 25.94 -25.08 -3.71
C TYR B 92 25.75 -24.64 -5.15
N TYR B 93 25.98 -25.55 -6.09
CA TYR B 93 25.96 -25.24 -7.52
C TYR B 93 24.98 -26.16 -8.24
N ASP B 94 24.25 -25.57 -9.19
CA ASP B 94 23.35 -26.35 -10.05
C ASP B 94 22.99 -25.44 -11.22
N SER B 95 23.69 -25.62 -12.35
CA SER B 95 23.46 -24.77 -13.50
C SER B 95 22.06 -24.92 -14.03
N THR B 96 21.36 -26.00 -13.67
CA THR B 96 20.04 -26.19 -14.23
C THR B 96 18.93 -25.48 -13.45
N TYR B 97 19.20 -25.07 -12.21
CA TYR B 97 18.17 -24.45 -11.38
C TYR B 97 17.69 -23.15 -11.99
N LEU B 98 16.37 -23.02 -12.12
CA LEU B 98 15.72 -21.78 -12.55
C LEU B 98 15.91 -21.51 -14.05
N SER B 99 15.80 -22.57 -14.87
CA SER B 99 15.91 -22.45 -16.31
C SER B 99 14.65 -22.83 -17.08
N THR B 100 13.61 -23.29 -16.41
CA THR B 100 12.37 -23.64 -17.09
C THR B 100 11.27 -22.72 -16.61
N ASP B 101 10.23 -22.60 -17.44
CA ASP B 101 9.14 -21.68 -17.14
C ASP B 101 8.44 -22.07 -15.84
N ASN B 102 8.29 -23.37 -15.58
CA ASN B 102 7.66 -23.80 -14.34
C ASN B 102 8.46 -23.37 -13.12
N GLU B 103 9.79 -23.49 -13.17
CA GLU B 103 10.62 -23.06 -12.05
C GLU B 103 10.50 -21.56 -11.83
N LYS B 104 10.57 -20.78 -12.91
CA LYS B 104 10.48 -19.34 -12.79
C LYS B 104 9.11 -18.91 -12.27
N ASP B 105 8.05 -19.62 -12.69
CA ASP B 105 6.73 -19.35 -12.16
C ASP B 105 6.67 -19.63 -10.67
N ASN B 106 7.28 -20.75 -10.24
CA ASN B 106 7.31 -21.07 -8.81
C ASN B 106 8.15 -20.07 -8.05
N TYR B 107 9.23 -19.58 -8.66
CA TYR B 107 10.05 -18.54 -8.03
C TYR B 107 9.24 -17.28 -7.82
N LEU B 108 8.54 -16.83 -8.87
CA LEU B 108 7.74 -15.60 -8.78
C LEU B 108 6.68 -15.73 -7.69
N LYS B 109 5.97 -16.86 -7.66
CA LYS B 109 4.93 -17.06 -6.66
C LYS B 109 5.51 -17.21 -5.26
N GLY B 110 6.69 -17.79 -5.13
CA GLY B 110 7.33 -17.88 -3.84
C GLY B 110 7.74 -16.53 -3.29
N VAL B 111 8.32 -15.69 -4.15
CA VAL B 111 8.69 -14.34 -3.73
C VAL B 111 7.44 -13.55 -3.36
N THR B 112 6.41 -13.63 -4.20
CA THR B 112 5.13 -12.98 -3.89
C THR B 112 4.65 -13.37 -2.49
N LYS B 113 4.65 -14.67 -2.21
CA LYS B 113 4.17 -15.15 -0.92
C LYS B 113 4.97 -14.57 0.24
N LEU B 114 6.29 -14.47 0.09
CA LEU B 114 7.12 -13.99 1.19
C LEU B 114 6.90 -12.50 1.43
N PHE B 115 6.73 -11.72 0.35
CA PHE B 115 6.42 -10.31 0.53
C PHE B 115 5.10 -10.13 1.28
N GLU B 116 4.10 -10.96 0.99
CA GLU B 116 2.84 -10.88 1.72
C GLU B 116 3.02 -11.34 3.16
N ARG B 117 3.85 -12.36 3.39
CA ARG B 117 4.11 -12.80 4.76
C ARG B 117 4.79 -11.70 5.56
N ILE B 118 5.78 -11.03 4.96
CA ILE B 118 6.43 -9.91 5.64
C ILE B 118 5.43 -8.80 5.89
N TYR B 119 4.60 -8.48 4.91
CA TYR B 119 3.65 -7.39 5.04
C TYR B 119 2.50 -7.72 5.99
N SER B 120 2.36 -8.98 6.41
CA SER B 120 1.33 -9.35 7.36
C SER B 120 1.72 -9.02 8.80
N THR B 121 2.95 -8.57 9.03
CA THR B 121 3.40 -8.13 10.35
C THR B 121 3.56 -6.62 10.37
N ASP B 122 3.32 -6.03 11.55
CA ASP B 122 3.46 -4.58 11.68
C ASP B 122 4.87 -4.13 11.30
N LEU B 123 5.89 -4.87 11.72
CA LEU B 123 7.26 -4.48 11.42
C LEU B 123 7.53 -4.54 9.93
N GLY B 124 6.94 -5.51 9.24
CA GLY B 124 7.14 -5.61 7.80
C GLY B 124 6.45 -4.49 7.04
N ARG B 125 5.25 -4.11 7.46
CA ARG B 125 4.59 -2.97 6.84
C ARG B 125 5.42 -1.71 7.00
N MET B 126 6.00 -1.51 8.19
CA MET B 126 6.89 -0.38 8.41
C MET B 126 8.10 -0.44 7.49
N LEU B 127 8.76 -1.60 7.44
CA LEU B 127 9.97 -1.73 6.63
C LEU B 127 9.68 -1.51 5.16
N LEU B 128 8.65 -2.16 4.63
CA LEU B 128 8.37 -2.08 3.20
C LEU B 128 7.90 -0.68 2.81
N THR B 129 7.16 0.00 3.68
CA THR B 129 6.81 1.39 3.42
C THR B 129 8.06 2.25 3.31
N SER B 130 8.98 2.11 4.27
CA SER B 130 10.22 2.87 4.23
C SER B 130 10.97 2.62 2.92
N ILE B 131 11.04 1.36 2.48
CA ILE B 131 11.78 1.02 1.27
C ILE B 131 11.17 1.73 0.07
N VAL B 132 9.84 1.69 -0.05
CA VAL B 132 9.19 2.28 -1.21
C VAL B 132 9.34 3.81 -1.18
N ARG B 133 9.33 4.40 0.02
CA ARG B 133 9.54 5.85 0.13
C ARG B 133 10.98 6.24 -0.18
N GLY B 134 11.93 5.32 -0.07
CA GLY B 134 13.34 5.65 -0.19
C GLY B 134 13.85 5.78 -1.60
N ILE B 135 13.22 6.63 -2.40
CA ILE B 135 13.65 6.82 -3.79
C ILE B 135 15.08 7.35 -3.82
N PRO B 136 15.98 6.78 -4.62
CA PRO B 136 17.34 7.32 -4.69
C PRO B 136 17.36 8.79 -5.09
N PHE B 137 18.30 9.52 -4.51
CA PHE B 137 18.36 10.97 -4.69
C PHE B 137 18.77 11.31 -6.12
N TRP B 138 18.27 12.43 -6.63
CA TRP B 138 18.60 12.93 -7.96
C TRP B 138 19.87 13.79 -7.86
N GLY B 139 21.01 13.12 -7.73
CA GLY B 139 22.28 13.82 -7.59
C GLY B 139 23.22 13.63 -8.75
N GLY B 140 22.68 13.48 -9.96
CA GLY B 140 23.51 13.15 -11.11
C GLY B 140 24.10 14.33 -11.84
N SER B 141 23.56 15.53 -11.61
CA SER B 141 23.99 16.71 -12.36
C SER B 141 25.29 17.26 -11.79
N THR B 142 26.18 17.68 -12.68
CA THR B 142 27.42 18.35 -12.28
C THR B 142 27.21 19.82 -11.94
N ILE B 143 26.01 20.35 -12.13
CA ILE B 143 25.68 21.73 -11.78
C ILE B 143 24.90 21.68 -10.47
N ASP B 144 25.48 22.24 -9.41
CA ASP B 144 24.93 22.10 -8.07
C ASP B 144 23.64 22.90 -7.86
N THR B 145 23.01 23.40 -8.93
CA THR B 145 21.70 24.03 -8.85
C THR B 145 20.68 23.30 -9.72
N GLU B 146 21.00 22.09 -10.16
CA GLU B 146 20.19 21.32 -11.08
C GLU B 146 20.01 19.91 -10.55
N LEU B 147 18.77 19.46 -10.47
CA LEU B 147 18.48 18.07 -10.11
C LEU B 147 18.45 17.22 -11.37
N LYS B 148 19.02 16.02 -11.26
CA LYS B 148 19.11 15.11 -12.39
C LYS B 148 19.20 13.68 -11.86
N VAL B 149 18.44 12.78 -12.45
CA VAL B 149 18.50 11.39 -12.04
C VAL B 149 19.89 10.83 -12.34
N ILE B 150 20.23 9.75 -11.66
CA ILE B 150 21.43 8.98 -11.95
C ILE B 150 20.99 7.72 -12.67
N ASP B 151 21.40 7.58 -13.93
CA ASP B 151 20.85 6.54 -14.80
C ASP B 151 21.01 5.14 -14.21
N THR B 152 22.00 4.93 -13.34
CA THR B 152 22.18 3.60 -12.77
C THR B 152 21.12 3.27 -11.73
N ASN B 153 20.26 4.22 -11.36
CA ASN B 153 19.11 3.95 -10.51
C ASN B 153 17.84 3.69 -11.31
N CYS B 154 17.99 3.23 -12.56
CA CYS B 154 16.86 3.01 -13.44
C CYS B 154 17.06 1.68 -14.18
N ILE B 155 15.96 1.19 -14.76
CA ILE B 155 16.02 0.10 -15.72
C ILE B 155 15.41 0.60 -17.02
N ASN B 156 15.70 -0.12 -18.10
CA ASN B 156 15.18 0.20 -19.42
C ASN B 156 14.14 -0.85 -19.78
N VAL B 157 12.89 -0.41 -19.96
CA VAL B 157 11.76 -1.29 -20.18
C VAL B 157 11.46 -1.30 -21.68
N ILE B 158 11.44 -2.49 -22.27
CA ILE B 158 11.08 -2.64 -23.68
C ILE B 158 9.57 -2.55 -23.78
N GLN B 159 9.09 -1.64 -24.61
CA GLN B 159 7.66 -1.49 -24.83
C GLN B 159 7.20 -2.43 -25.94
N PRO B 160 5.90 -2.72 -26.00
CA PRO B 160 5.41 -3.66 -27.01
C PRO B 160 5.77 -3.28 -28.44
N ASP B 161 5.92 -1.98 -28.73
CA ASP B 161 6.26 -1.52 -30.07
C ASP B 161 7.77 -1.52 -30.32
N GLY B 162 8.56 -2.09 -29.40
CA GLY B 162 9.98 -2.24 -29.59
C GLY B 162 10.84 -1.12 -29.04
N SER B 163 10.23 -0.06 -28.51
CA SER B 163 10.98 1.08 -27.99
C SER B 163 11.29 0.89 -26.51
N TYR B 164 12.33 1.58 -26.06
CA TYR B 164 12.73 1.56 -24.66
C TYR B 164 11.95 2.61 -23.87
N ARG B 165 12.01 2.46 -22.55
CA ARG B 165 11.49 3.47 -21.63
C ARG B 165 12.30 3.37 -20.34
N SER B 166 12.92 4.46 -19.94
CA SER B 166 13.68 4.50 -18.69
C SER B 166 12.72 4.70 -17.53
N GLU B 167 12.76 3.79 -16.56
CA GLU B 167 11.87 3.83 -15.41
C GLU B 167 12.71 3.74 -14.14
N GLU B 168 12.55 4.70 -13.25
CA GLU B 168 13.21 4.64 -11.95
C GLU B 168 12.61 3.51 -11.11
N LEU B 169 13.42 2.98 -10.21
CA LEU B 169 12.96 1.94 -9.30
C LEU B 169 13.90 1.89 -8.10
N ASN B 170 13.41 1.28 -7.03
CA ASN B 170 14.16 1.18 -5.78
C ASN B 170 14.77 -0.19 -5.55
N LEU B 171 14.15 -1.25 -6.03
CA LEU B 171 14.51 -2.59 -5.61
C LEU B 171 14.21 -3.60 -6.71
N VAL B 172 15.15 -4.51 -6.94
CA VAL B 172 14.96 -5.64 -7.84
C VAL B 172 15.29 -6.91 -7.08
N ILE B 173 14.39 -7.89 -7.17
CA ILE B 173 14.62 -9.22 -6.61
C ILE B 173 15.02 -10.13 -7.77
N ILE B 174 16.21 -10.74 -7.67
CA ILE B 174 16.74 -11.59 -8.72
C ILE B 174 17.27 -12.88 -8.11
N GLY B 175 17.30 -13.93 -8.92
CA GLY B 175 17.78 -15.22 -8.49
C GLY B 175 19.28 -15.20 -8.24
N PRO B 176 19.79 -16.20 -7.54
CA PRO B 176 21.21 -16.24 -7.22
C PRO B 176 22.06 -16.44 -8.47
N SER B 177 23.36 -16.16 -8.33
CA SER B 177 24.30 -16.37 -9.42
C SER B 177 24.74 -17.83 -9.44
N ALA B 178 26.02 -18.08 -9.67
CA ALA B 178 26.51 -19.45 -9.71
C ALA B 178 26.27 -20.16 -8.38
N ASP B 179 26.70 -19.55 -7.28
CA ASP B 179 26.46 -20.10 -5.96
C ASP B 179 25.01 -19.85 -5.57
N ILE B 180 24.20 -20.90 -5.60
CA ILE B 180 22.76 -20.75 -5.41
C ILE B 180 22.43 -20.17 -4.03
N ILE B 181 23.26 -20.47 -3.03
CA ILE B 181 22.97 -20.10 -1.65
C ILE B 181 23.71 -18.84 -1.24
N GLN B 182 24.27 -18.11 -2.19
CA GLN B 182 24.94 -16.82 -1.93
C GLN B 182 23.94 -15.69 -2.13
N PHE B 183 23.34 -15.22 -1.04
CA PHE B 183 22.45 -14.08 -1.07
C PHE B 183 23.21 -12.81 -0.70
N GLU B 184 22.76 -11.68 -1.25
CA GLU B 184 23.36 -10.39 -0.93
C GLU B 184 22.47 -9.29 -1.46
N CYS B 185 22.71 -8.07 -0.96
CA CYS B 185 22.05 -6.86 -1.43
C CYS B 185 23.14 -5.96 -2.01
N LYS B 186 23.12 -5.78 -3.33
CA LYS B 186 24.17 -5.06 -4.03
C LYS B 186 23.57 -3.99 -4.93
N SER B 187 24.38 -2.98 -5.24
CA SER B 187 23.95 -1.87 -6.08
C SER B 187 25.13 -1.37 -6.89
N PHE B 188 24.81 -0.65 -7.97
CA PHE B 188 25.82 -0.09 -8.86
C PHE B 188 26.39 1.20 -8.28
N GLY B 189 27.69 1.42 -8.52
CA GLY B 189 28.39 2.54 -7.95
C GLY B 189 28.49 3.74 -8.87
N HIS B 190 29.13 4.78 -8.35
CA HIS B 190 29.37 6.02 -9.06
C HIS B 190 30.87 6.32 -9.06
N GLU B 191 31.35 6.93 -10.15
CA GLU B 191 32.78 7.20 -10.28
C GLU B 191 33.33 7.94 -9.07
N VAL B 192 32.55 8.88 -8.53
CA VAL B 192 33.00 9.73 -7.42
C VAL B 192 32.11 9.59 -6.20
N LEU B 193 30.78 9.57 -6.39
CA LEU B 193 29.85 9.49 -5.27
C LEU B 193 29.78 8.08 -4.71
N ASN B 194 29.57 8.00 -3.40
CA ASN B 194 29.33 6.74 -2.70
C ASN B 194 27.84 6.70 -2.34
N LEU B 195 27.02 6.22 -3.29
CA LEU B 195 25.58 6.42 -3.19
C LEU B 195 24.97 5.73 -1.97
N THR B 196 25.54 4.61 -1.54
CA THR B 196 25.01 3.89 -0.39
C THR B 196 25.56 4.41 0.92
N ARG B 197 26.42 5.43 0.89
CA ARG B 197 27.11 5.91 2.07
C ARG B 197 27.10 7.42 2.21
N ASN B 198 26.43 8.14 1.31
CA ASN B 198 26.37 9.60 1.36
C ASN B 198 24.95 10.13 1.50
N GLY B 199 23.99 9.26 1.84
CA GLY B 199 22.61 9.67 2.03
C GLY B 199 21.76 9.68 0.78
N TYR B 200 22.37 9.59 -0.40
CA TYR B 200 21.60 9.63 -1.64
C TYR B 200 20.78 8.36 -1.81
N GLY B 201 21.42 7.20 -1.71
CA GLY B 201 20.80 5.94 -2.00
C GLY B 201 20.91 5.55 -3.46
N SER B 202 20.76 4.25 -3.71
CA SER B 202 20.85 3.72 -5.06
C SER B 202 19.91 2.52 -5.18
N THR B 203 19.52 2.22 -6.42
CA THR B 203 18.67 1.07 -6.67
C THR B 203 19.36 -0.21 -6.20
N GLN B 204 18.65 -1.02 -5.44
CA GLN B 204 19.22 -2.21 -4.82
C GLN B 204 18.78 -3.46 -5.55
N TYR B 205 19.72 -4.39 -5.71
CA TYR B 205 19.48 -5.69 -6.33
C TYR B 205 19.74 -6.77 -5.29
N ILE B 206 18.70 -7.52 -4.94
CA ILE B 206 18.80 -8.58 -3.94
C ILE B 206 18.86 -9.91 -4.67
N ARG B 207 20.00 -10.61 -4.55
CA ARG B 207 20.10 -12.00 -4.97
C ARG B 207 19.44 -12.87 -3.90
N PHE B 208 18.44 -13.65 -4.30
CA PHE B 208 17.67 -14.41 -3.33
C PHE B 208 16.94 -15.54 -4.03
N SER B 209 16.71 -16.62 -3.28
CA SER B 209 15.95 -17.76 -3.78
C SER B 209 14.99 -18.19 -2.68
N PRO B 210 13.70 -18.34 -2.96
CA PRO B 210 12.77 -18.92 -1.99
C PRO B 210 12.74 -20.44 -2.01
N ASP B 211 13.55 -21.07 -2.85
CA ASP B 211 13.50 -22.51 -3.07
C ASP B 211 14.53 -23.27 -2.25
N PHE B 212 15.40 -22.58 -1.54
CA PHE B 212 16.40 -23.20 -0.67
C PHE B 212 16.44 -22.46 0.66
N THR B 213 16.97 -23.12 1.68
CA THR B 213 17.17 -22.47 2.97
C THR B 213 18.25 -23.23 3.74
N PHE B 214 18.71 -22.62 4.84
CA PHE B 214 19.72 -23.21 5.70
C PHE B 214 19.07 -23.84 6.92
N GLY B 215 19.76 -24.85 7.47
CA GLY B 215 19.34 -25.50 8.69
C GLY B 215 20.31 -25.17 9.81
N PHE B 216 19.78 -25.05 11.03
CA PHE B 216 20.59 -24.79 12.21
C PHE B 216 20.17 -25.73 13.32
N GLU B 217 21.09 -25.96 14.24
CA GLU B 217 20.85 -26.85 15.37
C GLU B 217 20.65 -26.06 16.66
N GLY B 231 17.61 -31.56 17.56
CA GLY B 231 17.01 -31.36 16.25
C GLY B 231 17.64 -30.22 15.48
N LYS B 232 17.65 -30.34 14.15
CA LYS B 232 18.19 -29.35 13.25
C LYS B 232 17.02 -28.68 12.55
N PHE B 233 16.74 -27.44 12.93
CA PHE B 233 15.59 -26.72 12.40
C PHE B 233 15.99 -25.94 11.16
N ALA B 234 14.99 -25.48 10.43
CA ALA B 234 15.19 -24.80 9.16
C ALA B 234 14.86 -23.32 9.30
N THR B 235 15.65 -22.48 8.63
CA THR B 235 15.40 -21.05 8.64
C THR B 235 14.18 -20.73 7.81
N ASP B 236 13.34 -19.85 8.33
CA ASP B 236 12.16 -19.40 7.58
C ASP B 236 12.61 -18.45 6.49
N PRO B 237 12.32 -18.72 5.21
CA PRO B 237 12.82 -17.84 4.14
C PRO B 237 12.30 -16.41 4.24
N ALA B 238 11.16 -16.19 4.90
CA ALA B 238 10.70 -14.82 5.11
C ALA B 238 11.66 -14.06 6.00
N VAL B 239 12.30 -14.74 6.96
CA VAL B 239 13.32 -14.10 7.78
C VAL B 239 14.53 -13.74 6.93
N THR B 240 14.96 -14.66 6.07
CA THR B 240 16.13 -14.41 5.23
C THR B 240 15.88 -13.27 4.26
N LEU B 241 14.71 -13.24 3.63
CA LEU B 241 14.39 -12.14 2.72
C LEU B 241 14.34 -10.82 3.48
N ALA B 242 13.74 -10.82 4.67
CA ALA B 242 13.72 -9.61 5.48
C ALA B 242 15.13 -9.11 5.79
N HIS B 243 16.04 -10.04 6.07
CA HIS B 243 17.44 -9.67 6.29
C HIS B 243 17.98 -8.87 5.10
N GLU B 244 17.78 -9.38 3.89
CA GLU B 244 18.24 -8.66 2.70
C GLU B 244 17.51 -7.34 2.54
N LEU B 245 16.20 -7.32 2.80
CA LEU B 245 15.44 -6.09 2.68
C LEU B 245 15.94 -5.02 3.65
N ILE B 246 16.38 -5.42 4.83
CA ILE B 246 16.92 -4.47 5.79
C ILE B 246 18.17 -3.80 5.22
N HIS B 247 19.06 -4.59 4.63
CA HIS B 247 20.21 -4.03 3.93
C HIS B 247 19.76 -2.98 2.91
N ALA B 248 18.74 -3.31 2.13
CA ALA B 248 18.25 -2.37 1.12
C ALA B 248 17.80 -1.06 1.75
N GLY B 249 17.16 -1.14 2.92
CA GLY B 249 16.76 0.08 3.61
C GLY B 249 17.95 0.97 3.92
N HIS B 250 18.99 0.40 4.53
CA HIS B 250 20.22 1.14 4.80
C HIS B 250 20.74 1.79 3.52
N ARG B 251 20.78 1.02 2.44
CA ARG B 251 21.46 1.46 1.22
C ARG B 251 20.58 2.39 0.38
N LEU B 252 19.26 2.26 0.48
CA LEU B 252 18.37 3.19 -0.23
C LEU B 252 18.39 4.57 0.42
N TYR B 253 18.63 4.64 1.72
CA TYR B 253 18.77 5.91 2.42
C TYR B 253 20.22 6.31 2.60
N GLY B 254 21.14 5.60 1.97
CA GLY B 254 22.54 6.00 1.95
C GLY B 254 23.20 6.07 3.32
N ILE B 255 22.83 5.17 4.22
CA ILE B 255 23.42 5.15 5.56
C ILE B 255 24.03 3.78 5.84
N ALA B 256 24.51 3.12 4.80
CA ALA B 256 25.16 1.84 4.97
C ALA B 256 26.56 2.02 5.56
N ILE B 257 27.02 1.00 6.27
CA ILE B 257 28.37 0.97 6.82
C ILE B 257 29.30 0.31 5.81
N ASN B 258 30.46 0.93 5.60
CA ASN B 258 31.43 0.40 4.65
C ASN B 258 31.76 -1.05 4.98
N PRO B 259 31.70 -1.97 4.01
CA PRO B 259 31.97 -3.39 4.32
C PRO B 259 33.40 -3.66 4.79
N ASN B 260 34.30 -2.68 4.72
CA ASN B 260 35.65 -2.88 5.24
C ASN B 260 35.72 -2.68 6.74
N ARG B 261 34.67 -2.12 7.34
CA ARG B 261 34.60 -1.99 8.79
C ARG B 261 34.11 -3.32 9.35
N VAL B 262 35.00 -4.09 9.95
CA VAL B 262 34.75 -5.48 10.28
C VAL B 262 35.02 -5.72 11.76
N PHE B 263 34.89 -6.97 12.17
CA PHE B 263 35.10 -7.36 13.56
C PHE B 263 35.87 -8.67 13.64
N GLU B 277 36.23 -12.28 11.26
CA GLU B 277 36.03 -11.04 10.53
C GLU B 277 34.61 -10.97 9.98
N VAL B 278 33.82 -10.02 10.49
CA VAL B 278 32.44 -9.82 10.05
C VAL B 278 32.18 -8.32 9.98
N SER B 279 31.61 -7.88 8.87
CA SER B 279 31.29 -6.46 8.70
C SER B 279 30.25 -6.02 9.72
N PHE B 280 30.41 -4.79 10.21
CA PHE B 280 29.39 -4.21 11.09
C PHE B 280 28.03 -4.19 10.40
N GLU B 281 27.99 -3.99 9.09
CA GLU B 281 26.74 -3.91 8.36
C GLU B 281 25.91 -5.18 8.56
N GLU B 282 26.57 -6.34 8.61
CA GLU B 282 25.83 -7.59 8.83
C GLU B 282 25.37 -7.70 10.28
N LEU B 283 26.23 -7.36 11.24
CA LEU B 283 25.85 -7.46 12.65
C LEU B 283 24.67 -6.55 12.96
N ARG B 284 24.69 -5.32 12.45
CA ARG B 284 23.56 -4.42 12.65
C ARG B 284 22.29 -4.98 12.01
N THR B 285 22.42 -5.51 10.79
CA THR B 285 21.24 -6.02 10.10
C THR B 285 20.64 -7.21 10.84
N PHE B 286 21.50 -8.16 11.24
CA PHE B 286 21.00 -9.32 12.00
C PHE B 286 20.37 -8.86 13.31
N GLY B 287 21.00 -7.90 13.98
CA GLY B 287 20.47 -7.39 15.23
C GLY B 287 20.71 -8.34 16.39
N GLY B 288 19.72 -8.45 17.28
CA GLY B 288 19.82 -9.34 18.41
C GLY B 288 21.06 -9.07 19.25
N HIS B 289 21.55 -10.13 19.90
CA HIS B 289 22.70 -10.01 20.78
C HIS B 289 24.00 -9.81 20.02
N ASP B 290 24.02 -10.08 18.72
CA ASP B 290 25.20 -9.75 17.91
C ASP B 290 25.37 -8.25 17.79
N ALA B 291 24.27 -7.49 17.75
CA ALA B 291 24.36 -6.04 17.63
C ALA B 291 25.08 -5.41 18.81
N LYS B 292 25.02 -6.03 19.99
CA LYS B 292 25.68 -5.46 21.16
C LYS B 292 27.19 -5.40 20.98
N PHE B 293 27.76 -6.26 20.12
CA PHE B 293 29.19 -6.27 19.90
C PHE B 293 29.69 -5.04 19.16
N ILE B 294 28.82 -4.37 18.40
CA ILE B 294 29.25 -3.19 17.65
C ILE B 294 29.75 -2.14 18.63
N ASP B 295 30.87 -1.51 18.27
CA ASP B 295 31.42 -0.44 19.09
C ASP B 295 30.36 0.63 19.32
N SER B 296 29.88 0.73 20.56
CA SER B 296 28.79 1.65 20.87
C SER B 296 29.14 3.08 20.46
N LEU B 297 30.36 3.51 20.75
CA LEU B 297 30.75 4.88 20.46
C LEU B 297 30.94 5.11 18.97
N GLN B 298 31.36 4.07 18.25
CA GLN B 298 31.49 4.15 16.80
C GLN B 298 30.15 4.28 16.12
N GLU B 299 29.08 3.78 16.75
CA GLU B 299 27.74 3.93 16.19
C GLU B 299 27.29 5.38 16.20
N ASN B 300 27.51 6.08 17.32
CA ASN B 300 27.17 7.50 17.39
C ASN B 300 27.93 8.31 16.35
N GLU B 301 29.16 7.90 16.01
CA GLU B 301 29.89 8.60 14.96
C GLU B 301 29.17 8.49 13.62
N PHE B 302 28.70 7.28 13.28
CA PHE B 302 27.88 7.12 12.09
C PHE B 302 26.63 8.00 12.19
N ARG B 303 26.01 8.04 13.36
CA ARG B 303 24.74 8.76 13.52
C ARG B 303 24.90 10.23 13.15
N LEU B 304 25.92 10.89 13.69
CA LEU B 304 26.16 12.28 13.31
C LEU B 304 26.73 12.39 11.90
N TYR B 305 27.46 11.37 11.44
CA TYR B 305 28.03 11.44 10.10
C TYR B 305 26.95 11.50 9.04
N TYR B 306 25.84 10.80 9.25
CA TYR B 306 24.74 10.82 8.29
C TYR B 306 23.73 11.92 8.57
N TYR B 307 23.69 12.45 9.80
CA TYR B 307 22.86 13.63 10.07
C TYR B 307 23.30 14.82 9.22
N ASN B 308 24.61 15.11 9.21
CA ASN B 308 25.15 16.17 8.36
C ASN B 308 24.97 15.85 6.87
N LYS B 309 25.00 14.57 6.50
CA LYS B 309 24.74 14.22 5.11
C LYS B 309 23.31 14.54 4.73
N PHE B 310 22.36 14.26 5.62
CA PHE B 310 20.98 14.64 5.36
C PHE B 310 20.84 16.15 5.29
N LYS B 311 21.59 16.87 6.13
CA LYS B 311 21.59 18.33 6.06
C LYS B 311 22.11 18.82 4.72
N ASP B 312 23.15 18.17 4.19
CA ASP B 312 23.67 18.54 2.88
C ASP B 312 22.61 18.34 1.80
N ILE B 313 21.81 17.28 1.94
CA ILE B 313 20.72 17.05 0.98
C ILE B 313 19.68 18.16 1.09
N ALA B 314 19.37 18.60 2.30
CA ALA B 314 18.45 19.71 2.47
C ALA B 314 18.98 20.96 1.79
N SER B 315 20.27 21.25 1.97
CA SER B 315 20.88 22.41 1.31
C SER B 315 20.78 22.27 -0.21
N THR B 316 21.11 21.09 -0.74
CA THR B 316 21.02 20.87 -2.17
C THR B 316 19.59 21.10 -2.68
N LEU B 317 18.59 20.63 -1.93
CA LEU B 317 17.21 20.87 -2.33
C LEU B 317 16.88 22.35 -2.29
N ASN B 318 17.45 23.10 -1.34
CA ASN B 318 17.18 24.53 -1.25
C ASN B 318 17.79 25.29 -2.42
N LYS B 319 18.97 24.87 -2.88
CA LYS B 319 19.62 25.54 -4.02
C LYS B 319 18.98 25.16 -5.35
N ALA B 320 18.22 24.08 -5.40
CA ALA B 320 17.70 23.58 -6.67
C ALA B 320 16.85 24.63 -7.35
N LYS B 321 17.24 25.02 -8.57
CA LYS B 321 16.50 25.96 -9.39
C LYS B 321 15.94 25.36 -10.66
N SER B 322 16.43 24.20 -11.10
CA SER B 322 16.00 23.59 -12.34
C SER B 322 16.03 22.08 -12.20
N ILE B 323 15.39 21.40 -13.14
CA ILE B 323 15.34 19.94 -13.18
C ILE B 323 15.52 19.48 -14.62
N VAL B 324 16.22 18.37 -14.80
CA VAL B 324 16.45 17.78 -16.11
C VAL B 324 15.56 16.55 -16.24
N GLY B 325 14.83 16.47 -17.35
CA GLY B 325 13.96 15.35 -17.61
C GLY B 325 12.57 15.78 -18.04
N SER B 329 8.50 17.40 -12.62
CA SER B 329 8.70 18.80 -12.26
C SER B 329 9.62 18.91 -11.05
N LEU B 330 10.23 20.09 -10.87
CA LEU B 330 11.14 20.30 -9.76
C LEU B 330 10.41 20.23 -8.43
N GLN B 331 9.24 20.88 -8.35
CA GLN B 331 8.49 20.91 -7.10
C GLN B 331 8.11 19.52 -6.64
N TYR B 332 7.69 18.66 -7.57
CA TYR B 332 7.32 17.31 -7.19
C TYR B 332 8.52 16.57 -6.60
N MET B 333 9.65 16.60 -7.31
CA MET B 333 10.85 15.93 -6.83
C MET B 333 11.32 16.52 -5.50
N LYS B 334 11.15 17.82 -5.29
CA LYS B 334 11.50 18.41 -4.00
C LYS B 334 10.65 17.82 -2.87
N ASN B 335 9.36 17.59 -3.13
CA ASN B 335 8.48 17.05 -2.12
C ASN B 335 8.62 15.55 -1.98
N VAL B 336 9.08 14.86 -3.03
CA VAL B 336 9.40 13.44 -2.91
C VAL B 336 10.49 13.24 -1.86
N PHE B 337 11.53 14.08 -1.92
CA PHE B 337 12.65 13.95 -0.99
C PHE B 337 12.42 14.67 0.33
N LYS B 338 11.46 15.60 0.38
CA LYS B 338 10.99 16.06 1.68
C LYS B 338 10.33 14.92 2.43
N GLU B 339 9.53 14.12 1.73
CA GLU B 339 8.88 12.97 2.34
C GLU B 339 9.90 11.91 2.72
N LYS B 340 10.78 11.54 1.80
CA LYS B 340 11.76 10.49 2.07
C LYS B 340 12.52 10.77 3.35
N TYR B 341 13.18 11.93 3.42
CA TYR B 341 14.06 12.26 4.53
C TYR B 341 13.34 12.95 5.68
N LEU B 342 12.02 13.09 5.62
CA LEU B 342 11.23 13.67 6.71
C LEU B 342 11.76 15.06 7.07
N LEU B 343 11.96 15.87 6.05
CA LEU B 343 12.50 17.23 6.25
C LEU B 343 11.40 18.18 6.70
N SER B 344 11.78 19.15 7.52
CA SER B 344 10.88 20.21 7.91
C SER B 344 10.94 21.34 6.88
N GLU B 345 9.86 22.11 6.82
CA GLU B 345 9.74 23.21 5.87
C GLU B 345 9.22 24.43 6.61
N ASP B 346 9.92 25.55 6.48
CA ASP B 346 9.53 26.77 7.17
C ASP B 346 8.56 27.58 6.30
N THR B 347 8.13 28.72 6.84
CA THR B 347 7.20 29.58 6.09
C THR B 347 7.83 30.05 4.78
N SER B 348 9.15 30.13 4.73
CA SER B 348 9.85 30.56 3.51
C SER B 348 9.99 29.44 2.48
N GLY B 349 9.62 28.20 2.83
CA GLY B 349 9.84 27.08 1.95
C GLY B 349 11.23 26.48 2.03
N LYS B 350 12.02 26.85 3.03
CA LYS B 350 13.37 26.33 3.20
C LYS B 350 13.32 25.02 3.96
N PHE B 351 13.98 24.00 3.43
CA PHE B 351 14.03 22.69 4.06
C PHE B 351 15.15 22.61 5.07
N SER B 352 14.93 21.79 6.10
CA SER B 352 15.94 21.55 7.12
C SER B 352 15.68 20.20 7.77
N VAL B 353 16.73 19.66 8.38
CA VAL B 353 16.66 18.38 9.06
C VAL B 353 16.29 18.63 10.52
N ASP B 354 15.20 18.01 10.97
CA ASP B 354 14.82 18.07 12.37
C ASP B 354 15.52 16.93 13.12
N LYS B 355 16.26 17.28 14.16
CA LYS B 355 17.02 16.28 14.91
C LYS B 355 16.11 15.17 15.43
N LEU B 356 14.88 15.53 15.82
CA LEU B 356 13.97 14.53 16.38
C LEU B 356 13.49 13.56 15.31
N LYS B 357 13.18 14.06 14.11
CA LYS B 357 12.72 13.19 13.04
C LYS B 357 13.86 12.42 12.38
N PHE B 358 15.08 12.94 12.45
CA PHE B 358 16.23 12.17 11.98
C PHE B 358 16.46 10.96 12.87
N ASP B 359 16.49 11.16 14.19
CA ASP B 359 16.62 10.03 15.12
C ASP B 359 15.52 9.01 14.88
N LYS B 360 14.29 9.48 14.65
CA LYS B 360 13.19 8.56 14.40
C LYS B 360 13.47 7.72 13.15
N LEU B 361 13.82 8.37 12.04
CA LEU B 361 14.11 7.66 10.81
C LEU B 361 15.35 6.79 10.93
N TYR B 362 16.44 7.37 11.44
CA TYR B 362 17.71 6.65 11.53
C TYR B 362 17.58 5.41 12.40
N LYS B 363 17.04 5.57 13.61
CA LYS B 363 16.93 4.44 14.53
C LYS B 363 15.97 3.38 13.99
N MET B 364 14.92 3.79 13.30
CA MET B 364 14.03 2.83 12.66
C MET B 364 14.81 1.95 11.69
N LEU B 365 15.63 2.56 10.84
CA LEU B 365 16.33 1.81 9.79
C LEU B 365 17.45 0.94 10.35
N THR B 366 18.07 1.36 11.45
CA THR B 366 19.28 0.70 11.95
C THR B 366 19.04 -0.16 13.18
N GLU B 367 18.17 0.26 14.09
CA GLU B 367 17.94 -0.47 15.34
C GLU B 367 16.66 -1.29 15.33
N ILE B 368 15.58 -0.77 14.77
CA ILE B 368 14.29 -1.47 14.84
C ILE B 368 14.20 -2.51 13.74
N TYR B 369 14.54 -2.13 12.52
CA TYR B 369 14.55 -3.08 11.40
C TYR B 369 15.74 -4.02 11.51
N THR B 370 15.56 -5.13 12.20
CA THR B 370 16.60 -6.14 12.33
C THR B 370 15.99 -7.52 12.11
N GLU B 371 16.85 -8.46 11.71
CA GLU B 371 16.40 -9.84 11.56
C GLU B 371 15.87 -10.38 12.88
N ASP B 372 16.57 -10.10 13.98
CA ASP B 372 16.15 -10.61 15.28
C ASP B 372 14.74 -10.15 15.63
N ASN B 373 14.42 -8.88 15.37
CA ASN B 373 13.08 -8.38 15.69
C ASN B 373 12.02 -8.99 14.79
N PHE B 374 12.36 -9.27 13.54
CA PHE B 374 11.42 -9.96 12.65
C PHE B 374 11.15 -11.38 13.15
N VAL B 375 12.17 -12.04 13.69
CA VAL B 375 11.96 -13.35 14.32
C VAL B 375 10.89 -13.23 15.39
N LYS B 376 10.90 -12.13 16.16
CA LYS B 376 9.94 -11.96 17.23
C LYS B 376 8.52 -11.75 16.69
N PHE B 377 8.39 -10.99 15.59
CA PHE B 377 7.07 -10.74 15.03
C PHE B 377 6.52 -11.97 14.34
N PHE B 378 7.37 -12.75 13.67
CA PHE B 378 6.93 -14.01 13.07
C PHE B 378 6.71 -15.07 14.14
N LYS B 379 7.41 -14.96 15.26
CA LYS B 379 7.39 -15.98 16.31
C LYS B 379 7.75 -17.34 15.73
N VAL B 380 8.89 -17.37 15.06
CA VAL B 380 9.46 -18.58 14.49
C VAL B 380 10.79 -18.82 15.18
N LEU B 381 11.35 -20.00 14.95
CA LEU B 381 12.69 -20.31 15.45
C LEU B 381 13.72 -19.84 14.45
N ASN B 382 14.83 -19.32 14.96
CA ASN B 382 15.89 -18.79 14.12
C ASN B 382 17.21 -18.95 14.85
N ARG B 383 18.29 -19.02 14.09
CA ARG B 383 19.62 -19.06 14.70
C ARG B 383 19.85 -17.77 15.49
N LYS B 384 20.61 -17.90 16.57
CA LYS B 384 20.75 -16.80 17.52
C LYS B 384 21.87 -15.85 17.20
N THR B 385 22.74 -16.19 16.23
CA THR B 385 23.82 -15.29 15.82
C THR B 385 23.98 -15.37 14.32
N TYR B 386 24.49 -14.27 13.74
CA TYR B 386 24.69 -14.21 12.29
C TYR B 386 25.57 -15.34 11.79
N LEU B 387 26.40 -15.92 12.66
CA LEU B 387 27.26 -17.03 12.29
C LEU B 387 26.86 -18.29 13.05
N LYS B 391 24.46 -24.70 8.73
CA LYS B 391 25.10 -26.00 8.92
C LYS B 391 24.83 -26.92 7.72
N ALA B 392 23.57 -26.96 7.29
CA ALA B 392 23.17 -27.78 6.15
C ALA B 392 22.28 -26.96 5.22
N VAL B 393 22.04 -27.50 4.03
CA VAL B 393 21.27 -26.85 2.99
C VAL B 393 20.11 -27.75 2.60
N PHE B 394 18.93 -27.16 2.45
CA PHE B 394 17.71 -27.92 2.19
C PHE B 394 16.93 -27.31 1.03
N LYS B 395 16.40 -28.17 0.17
CA LYS B 395 15.44 -27.76 -0.83
C LYS B 395 14.05 -27.69 -0.21
N ILE B 396 13.30 -26.66 -0.60
CA ILE B 396 11.97 -26.41 -0.05
C ILE B 396 11.03 -25.97 -1.18
N ASN B 397 9.74 -25.98 -0.89
CA ASN B 397 8.73 -25.43 -1.79
C ASN B 397 7.65 -24.79 -0.92
N ILE B 398 7.70 -23.46 -0.80
CA ILE B 398 6.78 -22.74 0.07
C ILE B 398 5.50 -22.33 -0.65
N VAL B 399 5.39 -22.60 -1.95
CA VAL B 399 4.26 -22.10 -2.75
C VAL B 399 2.99 -22.84 -2.35
N PRO B 400 3.01 -24.17 -2.19
CA PRO B 400 1.78 -24.87 -1.77
C PRO B 400 1.32 -24.40 -0.40
N LYS B 401 0.00 -24.15 -0.29
CA LYS B 401 -0.58 -23.74 0.98
C LYS B 401 -0.41 -24.80 2.06
N VAL B 402 -0.44 -26.08 1.69
CA VAL B 402 -0.29 -27.16 2.65
C VAL B 402 1.14 -27.30 3.15
N ASN B 403 2.09 -26.62 2.52
CA ASN B 403 3.48 -26.62 2.96
C ASN B 403 3.86 -25.41 3.79
N TYR B 404 3.25 -24.26 3.52
CA TYR B 404 3.74 -22.99 4.04
C TYR B 404 2.69 -21.90 3.81
N THR B 405 2.37 -21.13 4.85
CA THR B 405 1.33 -20.12 4.76
C THR B 405 1.88 -18.74 5.12
N ILE B 406 1.16 -17.72 4.64
CA ILE B 406 1.54 -16.34 4.90
C ILE B 406 1.60 -16.06 6.41
N TYR B 407 0.64 -16.60 7.17
CA TYR B 407 0.56 -16.29 8.59
C TYR B 407 1.51 -17.13 9.43
N ASP B 408 1.61 -18.43 9.16
CA ASP B 408 2.31 -19.35 10.05
C ASP B 408 3.64 -19.86 9.51
N GLY B 409 3.96 -19.57 8.25
CA GLY B 409 5.16 -20.17 7.67
C GLY B 409 5.02 -21.67 7.65
N PHE B 410 6.05 -22.36 8.13
CA PHE B 410 6.02 -23.82 8.17
C PHE B 410 5.18 -24.38 9.31
N ASN B 411 4.93 -23.59 10.36
CA ASN B 411 4.28 -24.09 11.57
C ASN B 411 2.77 -23.95 11.42
N LEU B 412 2.22 -24.74 10.50
CA LEU B 412 0.83 -24.60 10.10
C LEU B 412 -0.12 -24.78 11.28
N ARG B 413 -0.98 -23.80 11.50
CA ARG B 413 -2.03 -23.95 12.49
C ARG B 413 -2.95 -25.09 12.08
N ASN B 414 -3.66 -25.64 13.06
CA ASN B 414 -4.60 -26.73 12.82
C ASN B 414 -3.88 -27.98 12.33
N THR B 415 -2.61 -28.14 12.71
CA THR B 415 -1.86 -29.34 12.39
C THR B 415 -0.91 -29.65 13.55
N ASN B 416 -0.36 -30.85 13.53
CA ASN B 416 0.65 -31.22 14.52
C ASN B 416 1.91 -30.37 14.39
N LEU B 417 2.09 -29.69 13.26
CA LEU B 417 3.23 -28.81 13.05
C LEU B 417 3.09 -27.46 13.75
N ALA B 418 1.92 -27.13 14.29
CA ALA B 418 1.71 -25.80 14.85
C ALA B 418 2.52 -25.57 16.12
N ALA B 419 2.72 -26.61 16.92
CA ALA B 419 3.30 -26.47 18.24
C ALA B 419 4.79 -26.79 18.23
N ASN B 420 5.52 -26.14 19.13
CA ASN B 420 6.93 -26.44 19.37
C ASN B 420 7.76 -26.35 18.09
N PHE B 421 7.36 -25.47 17.17
CA PHE B 421 8.08 -25.26 15.92
C PHE B 421 8.28 -26.56 15.16
N ASN B 422 7.34 -27.50 15.32
CA ASN B 422 7.45 -28.77 14.61
C ASN B 422 7.54 -28.57 13.10
N GLY B 423 6.89 -27.52 12.59
CA GLY B 423 6.98 -27.24 11.17
C GLY B 423 8.39 -26.93 10.71
N GLN B 424 9.21 -26.32 11.58
CA GLN B 424 10.59 -26.00 11.23
C GLN B 424 11.56 -27.12 11.54
N ASN B 425 11.13 -28.17 12.25
CA ASN B 425 12.01 -29.29 12.56
C ASN B 425 12.16 -30.13 11.30
N THR B 426 13.38 -30.18 10.77
CA THR B 426 13.63 -30.89 9.51
C THR B 426 13.40 -32.39 9.65
N GLU B 427 13.27 -32.91 10.87
CA GLU B 427 12.98 -34.32 11.09
C GLU B 427 11.46 -34.57 11.11
N ILE B 428 10.75 -33.84 11.97
CA ILE B 428 9.30 -34.00 12.06
C ILE B 428 8.65 -33.69 10.72
N ASN B 429 8.97 -32.53 10.15
CA ASN B 429 8.41 -32.10 8.86
C ASN B 429 9.37 -32.40 7.71
N ASN B 430 9.96 -33.60 7.72
CA ASN B 430 10.96 -33.93 6.71
C ASN B 430 10.40 -33.85 5.29
N MET B 431 9.09 -34.04 5.13
CA MET B 431 8.48 -33.97 3.81
C MET B 431 8.73 -32.62 3.14
N ASN B 432 8.99 -31.57 3.91
CA ASN B 432 9.15 -30.22 3.38
C ASN B 432 10.61 -29.81 3.27
N PHE B 433 11.55 -30.70 3.58
CA PHE B 433 12.97 -30.36 3.56
C PHE B 433 13.75 -31.54 3.00
N THR B 434 14.44 -31.32 1.89
CA THR B 434 15.33 -32.31 1.28
C THR B 434 16.77 -31.83 1.48
N LYS B 435 17.53 -32.57 2.29
CA LYS B 435 18.90 -32.16 2.57
C LYS B 435 19.76 -32.30 1.33
N LEU B 436 20.63 -31.32 1.12
CA LEU B 436 21.57 -31.33 0.01
C LEU B 436 23.00 -31.29 0.52
ZN ZN C . -24.90 4.77 4.59
N1 90M D . -25.46 11.57 6.94
C2 90M D . -24.25 9.62 7.78
C5 90M D . -25.12 10.13 6.65
C6 90M D . -23.35 10.76 9.93
C8 90M D . -21.92 12.00 11.45
C3 90M D . -24.08 10.65 8.66
O12 90M D . -26.97 7.99 6.58
C10 90M D . -22.69 9.76 12.05
C11 90M D . -23.37 9.70 10.84
F9 90M D . -21.30 11.01 13.49
C12 90M D . -26.32 8.22 5.57
C13 90M D . -26.34 7.29 4.37
C4B 90M D . -23.72 8.26 7.85
N5 90M D . -25.59 9.41 5.45
C7 90M D . -22.62 11.90 10.24
C9 90M D . -21.96 10.93 12.34
N2 90M D . -24.79 11.83 8.20
S13 90M D . -24.64 7.01 3.76
ZN ZN E . 23.53 -9.60 5.17
N1 90M F . 24.23 -16.02 1.85
C2 90M F . 22.70 -15.12 3.52
C5 90M F . 23.87 -14.78 2.63
C6 90M F . 21.38 -17.31 3.89
C8 90M F . 20.04 -18.04 5.78
C3 90M F . 22.39 -16.43 3.31
O12 90M F . 25.08 -13.33 4.70
C10 90M F . 19.76 -19.11 3.61
C11 90M F . 20.73 -18.26 3.09
F9 90M F . 18.49 -19.78 5.47
C12 90M F . 24.99 -12.78 3.61
C13 90M F . 25.26 -11.30 3.42
C4B 90M F . 22.07 -14.16 4.43
N5 90M F . 24.58 -13.51 2.48
C7 90M F . 21.01 -17.21 5.23
C9 90M F . 19.42 -18.99 4.96
N2 90M F . 23.29 -17.02 2.32
S13 90M F . 23.72 -10.42 2.97
#